data_7YV1
#
_entry.id   7YV1
#
_cell.length_a   65.617
_cell.length_b   90.373
_cell.length_c   116.810
_cell.angle_alpha   90.000
_cell.angle_beta   90.000
_cell.angle_gamma   90.000
#
_symmetry.space_group_name_H-M   'P 21 21 21'
#
loop_
_entity.id
_entity.type
_entity.pdbx_description
1 polymer 'Isoform 2B of GTPase KRas'
2 polymer 'KA30L Fab H-chain'
3 polymer 'KA30L Fab L-chain'
4 polymer LUNA18
5 non-polymer "GUANOSINE-5'-DIPHOSPHATE"
6 non-polymer 'MAGNESIUM ION'
7 water water
#
loop_
_entity_poly.entity_id
_entity_poly.type
_entity_poly.pdbx_seq_one_letter_code
_entity_poly.pdbx_strand_id
1 'polypeptide(L)'
;GSSGGSTEYKLVVVGADGVGKSALTIQLIQNHFVDEYDPTIEDSYRKQVVIDGETCLLDILDTAGQEEYSAMRDQYMRTG
EGFLCVFAINNTKSFEDIHHYREQIKRVKDSEDVPMVLVGNKCDLPSRTVDTKQAQDLARSYGIPFIETSAKTRQGVDDA
FYTLVREIRKHKEKMSKDG
;
A
2 'polypeptide(L)'
;QVQLQESGPGLVKPSETLSLTCAVSGYSISSGYYWGWIRQPPGKGLEWIGSIYHSGSTYYNPSLKSRVTISVDTSKNQFS
LKLSSVTAADTAVYYCARQRYWSKSYFRPWGQGTLVTVSSASTKGPSVFPLAPSSKSTSGGTAALGCLVKDYFPEPVTVS
WNSGALTSGVHTFPAVLQSSGLYSLSSVVTVPSSSLGTQTYICNVNHKPSNTKVDKKVEPKSCDK
;
H
3 'polypeptide(L)'
;DIQMTQSPSSLSASVGDRVTITCRASQSISSYLNWYQQKPGKAPKLLIYAASSLQSGVPSRFSGSGSGTDFTLTISSLQP
EDFATYYCQQSDSYPLTFGGGTKVEIKRTVAAPSVFIFPPSDEQLKSGTASVVCLLNNFYPREAKVQWKVDNALQSGNSQ
ESVTEQDSKDSTYSLSSTLTLSKADYEKHKVYACEVTHQGLSSPVTKSFNRGEC
;
L
4 'polypeptide(L)' (MLE)I(MAA)(02A)(7VU)(SAR)(7W2)P(AC5)(7VN)(7WC) I
#
loop_
_chem_comp.id
_chem_comp.type
_chem_comp.name
_chem_comp.formula
7WC L-gamma-peptide, C-delta linking '(3S)-4-(dimethylamino)-3-(methylamino)-4-oxidanylidene-butanoic acid' 'C7 H14 N2 O3'
GDP RNA linking GUANOSINE-5'-DIPHOSPHATE 'C10 H15 N5 O11 P2'
MG non-polymer 'MAGNESIUM ION' 'Mg 2'
#
# COMPACT_ATOMS: atom_id res chain seq x y z
N SER A 6 -20.56 21.38 -28.53
CA SER A 6 -20.76 20.25 -27.63
C SER A 6 -22.23 20.11 -27.20
N THR A 7 -22.81 18.91 -27.38
CA THR A 7 -24.21 18.68 -27.02
C THR A 7 -24.30 17.59 -25.95
N GLU A 8 -24.95 17.91 -24.83
CA GLU A 8 -25.10 17.03 -23.68
C GLU A 8 -26.26 16.05 -23.85
N TYR A 9 -26.01 14.74 -23.63
CA TYR A 9 -27.06 13.72 -23.69
C TYR A 9 -27.05 12.92 -22.38
N LYS A 10 -28.23 12.78 -21.75
CA LYS A 10 -28.37 12.06 -20.48
C LYS A 10 -28.98 10.70 -20.74
N LEU A 11 -28.20 9.64 -20.50
CA LEU A 11 -28.60 8.27 -20.77
C LEU A 11 -28.71 7.49 -19.47
N VAL A 12 -29.58 6.50 -19.45
CA VAL A 12 -29.74 5.65 -18.26
C VAL A 12 -29.69 4.19 -18.68
N VAL A 13 -28.89 3.36 -17.97
CA VAL A 13 -28.75 1.95 -18.31
C VAL A 13 -29.49 1.12 -17.30
N VAL A 14 -30.56 0.42 -17.73
CA VAL A 14 -31.39 -0.39 -16.85
C VAL A 14 -31.40 -1.89 -17.28
N GLY A 15 -31.76 -2.75 -16.33
CA GLY A 15 -31.77 -4.18 -16.60
C GLY A 15 -31.49 -4.96 -15.34
N ALA A 16 -31.88 -6.24 -15.34
CA ALA A 16 -31.68 -7.11 -14.21
C ALA A 16 -30.23 -7.18 -13.71
N ASP A 17 -30.05 -7.53 -12.42
CA ASP A 17 -28.71 -7.71 -11.88
C ASP A 17 -27.92 -8.76 -12.72
N GLY A 18 -26.65 -8.48 -13.03
CA GLY A 18 -25.81 -9.44 -13.73
C GLY A 18 -25.90 -9.45 -15.24
N VAL A 19 -26.74 -8.58 -15.86
CA VAL A 19 -26.79 -8.59 -17.36
C VAL A 19 -25.58 -7.95 -18.04
N GLY A 20 -24.83 -7.11 -17.30
CA GLY A 20 -23.66 -6.44 -17.87
C GLY A 20 -23.77 -4.94 -18.03
N LYS A 21 -24.68 -4.28 -17.24
CA LYS A 21 -24.81 -2.82 -17.32
C LYS A 21 -23.45 -2.13 -16.96
N SER A 22 -22.86 -2.53 -15.83
CA SER A 22 -21.59 -1.97 -15.42
C SER A 22 -20.45 -2.27 -16.44
N ALA A 23 -20.41 -3.52 -16.98
CA ALA A 23 -19.40 -3.95 -17.93
C ALA A 23 -19.52 -3.14 -19.24
N LEU A 24 -20.76 -2.92 -19.69
CA LEU A 24 -20.99 -2.15 -20.92
C LEU A 24 -20.53 -0.70 -20.71
N THR A 25 -20.89 -0.13 -19.52
CA THR A 25 -20.57 1.25 -19.24
C THR A 25 -19.05 1.46 -19.18
N ILE A 26 -18.37 0.59 -18.45
CA ILE A 26 -16.91 0.66 -18.31
C ILE A 26 -16.20 0.40 -19.65
N GLN A 27 -16.71 -0.56 -20.45
CA GLN A 27 -16.10 -0.83 -21.75
C GLN A 27 -16.25 0.43 -22.64
N LEU A 28 -17.45 1.07 -22.64
CA LEU A 28 -17.65 2.29 -23.42
C LEU A 28 -16.70 3.43 -23.03
N ILE A 29 -16.69 3.79 -21.72
CA ILE A 29 -16.00 4.93 -21.16
C ILE A 29 -14.47 4.75 -21.06
N GLN A 30 -14.03 3.62 -20.50
CA GLN A 30 -12.63 3.34 -20.17
C GLN A 30 -11.94 2.22 -20.96
N ASN A 31 -12.64 1.56 -21.88
CA ASN A 31 -12.03 0.51 -22.73
C ASN A 31 -11.46 -0.69 -21.96
N HIS A 32 -12.11 -1.08 -20.86
CA HIS A 32 -11.72 -2.28 -20.13
C HIS A 32 -12.91 -3.24 -20.03
N PHE A 33 -12.64 -4.56 -20.08
CA PHE A 33 -13.67 -5.55 -19.80
C PHE A 33 -13.47 -5.91 -18.33
N VAL A 34 -14.52 -5.81 -17.54
CA VAL A 34 -14.44 -6.04 -16.09
C VAL A 34 -15.23 -7.24 -15.62
N ASP A 35 -14.54 -8.18 -14.91
CA ASP A 35 -15.15 -9.40 -14.40
C ASP A 35 -16.00 -9.18 -13.18
N GLU A 36 -15.54 -8.34 -12.24
CA GLU A 36 -16.27 -8.13 -11.01
C GLU A 36 -16.25 -6.70 -10.51
N TYR A 37 -17.23 -5.92 -10.98
CA TYR A 37 -17.51 -4.56 -10.53
C TYR A 37 -18.63 -4.66 -9.49
N ASP A 38 -18.49 -3.93 -8.34
CA ASP A 38 -19.46 -3.95 -7.22
C ASP A 38 -20.92 -3.96 -7.71
N PRO A 39 -21.68 -5.05 -7.50
CA PRO A 39 -23.05 -5.10 -8.06
C PRO A 39 -24.03 -4.13 -7.46
N THR A 40 -23.67 -3.51 -6.32
CA THR A 40 -24.56 -2.58 -5.62
C THR A 40 -24.36 -1.11 -5.98
N ILE A 41 -23.28 -0.78 -6.74
CA ILE A 41 -23.00 0.61 -7.03
C ILE A 41 -23.76 1.13 -8.22
N GLU A 42 -24.55 2.19 -7.98
CA GLU A 42 -25.27 2.94 -9.02
C GLU A 42 -24.49 4.25 -9.14
N ASP A 43 -23.76 4.47 -10.23
CA ASP A 43 -22.96 5.67 -10.39
C ASP A 43 -23.19 6.30 -11.76
N SER A 44 -22.84 7.58 -11.85
CA SER A 44 -22.92 8.39 -13.06
C SER A 44 -21.50 8.51 -13.67
N TYR A 45 -21.41 8.46 -14.99
CA TYR A 45 -20.14 8.57 -15.69
C TYR A 45 -20.26 9.64 -16.77
N ARG A 46 -19.13 10.26 -17.18
CA ARG A 46 -19.16 11.27 -18.24
C ARG A 46 -18.13 10.91 -19.29
N LYS A 47 -18.49 11.02 -20.58
CA LYS A 47 -17.54 10.74 -21.66
C LYS A 47 -17.80 11.68 -22.81
N GLN A 48 -16.74 12.27 -23.37
CA GLN A 48 -16.86 13.11 -24.56
C GLN A 48 -16.55 12.21 -25.75
N VAL A 49 -17.49 12.10 -26.67
CA VAL A 49 -17.33 11.24 -27.85
C VAL A 49 -17.79 12.00 -29.10
N VAL A 50 -17.32 11.56 -30.28
CA VAL A 50 -17.79 12.15 -31.53
C VAL A 50 -18.77 11.17 -32.19
N ILE A 51 -20.01 11.61 -32.45
CA ILE A 51 -21.04 10.75 -33.06
C ILE A 51 -21.61 11.46 -34.29
N ASP A 52 -21.37 10.93 -35.49
CA ASP A 52 -21.83 11.55 -36.75
C ASP A 52 -21.29 12.98 -36.87
N GLY A 53 -20.02 13.16 -36.55
CA GLY A 53 -19.38 14.48 -36.62
C GLY A 53 -19.76 15.46 -35.52
N GLU A 54 -20.65 15.06 -34.60
CA GLU A 54 -21.09 15.95 -33.53
C GLU A 54 -20.37 15.61 -32.22
N THR A 55 -19.81 16.63 -31.56
CA THR A 55 -19.14 16.42 -30.27
C THR A 55 -20.23 16.28 -29.20
N CYS A 56 -20.35 15.08 -28.62
CA CYS A 56 -21.37 14.78 -27.61
C CYS A 56 -20.76 14.60 -26.24
N LEU A 57 -21.45 15.08 -25.22
CA LEU A 57 -21.03 14.88 -23.84
C LEU A 57 -22.05 13.94 -23.22
N LEU A 58 -21.67 12.68 -23.03
CA LEU A 58 -22.63 11.69 -22.52
C LEU A 58 -22.56 11.64 -21.01
N ASP A 59 -23.73 11.76 -20.33
CA ASP A 59 -23.85 11.63 -18.88
C ASP A 59 -24.60 10.30 -18.76
N ILE A 60 -23.95 9.27 -18.21
CA ILE A 60 -24.55 7.95 -18.19
C ILE A 60 -24.79 7.46 -16.79
N LEU A 61 -26.02 7.06 -16.48
CA LEU A 61 -26.29 6.48 -15.15
C LEU A 61 -26.27 4.94 -15.30
N ASP A 62 -25.30 4.31 -14.65
CA ASP A 62 -25.22 2.85 -14.65
C ASP A 62 -26.06 2.45 -13.41
N THR A 63 -27.33 2.06 -13.59
CA THR A 63 -28.21 1.78 -12.44
C THR A 63 -27.88 0.48 -11.72
N ALA A 64 -28.36 0.35 -10.49
CA ALA A 64 -28.20 -0.86 -9.71
C ALA A 64 -29.41 -0.94 -8.71
N GLY A 65 -29.53 -2.06 -7.99
CA GLY A 65 -30.53 -2.20 -6.95
C GLY A 65 -30.18 -1.24 -5.83
N GLN A 66 -31.11 -0.36 -5.48
CA GLN A 66 -30.88 0.62 -4.42
C GLN A 66 -31.94 0.49 -3.32
N GLU A 67 -31.52 0.65 -2.06
CA GLU A 67 -32.46 0.58 -0.94
C GLU A 67 -33.14 1.95 -0.76
N GLU A 68 -32.42 3.05 -1.08
CA GLU A 68 -32.95 4.41 -0.96
C GLU A 68 -32.97 5.12 -2.32
N TYR A 69 -33.93 6.05 -2.49
CA TYR A 69 -34.06 6.82 -3.73
C TYR A 69 -33.21 8.07 -3.57
N SER A 70 -32.07 8.14 -4.27
CA SER A 70 -31.07 9.20 -4.12
C SER A 70 -31.33 10.48 -4.91
N ALA A 71 -30.67 11.57 -4.49
CA ALA A 71 -30.70 12.82 -5.22
C ALA A 71 -30.12 12.62 -6.65
N MET A 72 -29.04 11.80 -6.75
CA MET A 72 -28.43 11.55 -8.06
CA MET A 72 -28.41 11.52 -8.04
C MET A 72 -29.41 10.82 -8.97
N ARG A 73 -30.06 9.76 -8.48
CA ARG A 73 -31.05 9.05 -9.29
C ARG A 73 -32.19 9.98 -9.71
N ASP A 74 -32.66 10.82 -8.76
CA ASP A 74 -33.75 11.77 -9.04
C ASP A 74 -33.40 12.72 -10.18
N GLN A 75 -32.12 13.11 -10.33
CA GLN A 75 -31.73 14.01 -11.44
C GLN A 75 -32.01 13.29 -12.77
N TYR A 76 -31.59 12.01 -12.86
CA TYR A 76 -31.81 11.22 -14.08
C TYR A 76 -33.29 10.90 -14.27
N MET A 77 -34.05 10.72 -13.20
CA MET A 77 -35.50 10.48 -13.30
C MET A 77 -36.15 11.71 -14.00
N ARG A 78 -35.72 12.89 -13.59
CA ARG A 78 -36.28 14.13 -14.14
C ARG A 78 -35.75 14.48 -15.53
N THR A 79 -34.45 14.36 -15.74
CA THR A 79 -33.83 14.86 -16.96
C THR A 79 -33.19 13.81 -17.89
N GLY A 80 -33.24 12.53 -17.51
CA GLY A 80 -32.75 11.44 -18.36
C GLY A 80 -33.52 11.42 -19.67
N GLU A 81 -32.80 11.35 -20.78
CA GLU A 81 -33.41 11.48 -22.10
C GLU A 81 -33.66 10.18 -22.83
N GLY A 82 -32.81 9.20 -22.59
CA GLY A 82 -32.93 7.91 -23.26
C GLY A 82 -32.52 6.77 -22.36
N PHE A 83 -33.06 5.58 -22.62
CA PHE A 83 -32.78 4.42 -21.81
C PHE A 83 -32.25 3.23 -22.62
N LEU A 84 -31.23 2.54 -22.10
CA LEU A 84 -30.79 1.28 -22.69
C LEU A 84 -31.44 0.24 -21.78
N CYS A 85 -32.31 -0.61 -22.33
CA CYS A 85 -32.91 -1.70 -21.59
C CYS A 85 -32.17 -2.94 -21.94
N VAL A 86 -31.35 -3.39 -21.00
CA VAL A 86 -30.42 -4.48 -21.21
C VAL A 86 -30.86 -5.82 -20.65
N PHE A 87 -30.75 -6.89 -21.46
CA PHE A 87 -30.91 -8.26 -20.97
C PHE A 87 -29.64 -9.05 -21.39
N ALA A 88 -29.45 -10.26 -20.84
CA ALA A 88 -28.33 -11.11 -21.24
C ALA A 88 -28.91 -12.25 -22.10
N ILE A 89 -28.25 -12.56 -23.21
CA ILE A 89 -28.77 -13.58 -24.14
C ILE A 89 -28.80 -15.01 -23.56
N ASN A 90 -28.19 -15.23 -22.37
CA ASN A 90 -28.18 -16.52 -21.70
C ASN A 90 -28.99 -16.50 -20.38
N ASN A 91 -29.89 -15.50 -20.22
CA ASN A 91 -30.68 -15.43 -19.00
C ASN A 91 -32.10 -15.01 -19.35
N THR A 92 -32.97 -16.02 -19.50
CA THR A 92 -34.36 -15.84 -19.89
C THR A 92 -35.10 -14.87 -18.95
N LYS A 93 -34.86 -14.98 -17.64
CA LYS A 93 -35.53 -14.09 -16.67
C LYS A 93 -35.22 -12.61 -16.96
N SER A 94 -33.96 -12.30 -17.35
CA SER A 94 -33.59 -10.92 -17.66
C SER A 94 -34.34 -10.38 -18.88
N PHE A 95 -34.64 -11.27 -19.86
CA PHE A 95 -35.40 -10.88 -21.03
C PHE A 95 -36.88 -10.66 -20.60
N GLU A 96 -37.40 -11.53 -19.73
CA GLU A 96 -38.78 -11.40 -19.23
C GLU A 96 -38.98 -10.09 -18.46
N ASP A 97 -37.91 -9.56 -17.83
CA ASP A 97 -38.04 -8.30 -17.07
C ASP A 97 -38.15 -7.08 -18.01
N ILE A 98 -37.69 -7.18 -19.26
CA ILE A 98 -37.69 -6.04 -20.19
C ILE A 98 -39.02 -5.29 -20.25
N HIS A 99 -40.15 -6.02 -20.44
CA HIS A 99 -41.45 -5.34 -20.54
C HIS A 99 -41.78 -4.55 -19.27
N HIS A 100 -41.33 -5.02 -18.11
CA HIS A 100 -41.55 -4.31 -16.85
C HIS A 100 -40.70 -3.04 -16.81
N TYR A 101 -39.44 -3.13 -17.26
CA TYR A 101 -38.58 -1.93 -17.33
C TYR A 101 -39.21 -0.86 -18.25
N ARG A 102 -39.71 -1.27 -19.43
CA ARG A 102 -40.31 -0.34 -20.38
C ARG A 102 -41.59 0.29 -19.81
N GLU A 103 -42.46 -0.54 -19.20
CA GLU A 103 -43.71 -0.06 -18.59
C GLU A 103 -43.42 0.98 -17.51
N GLN A 104 -42.43 0.70 -16.66
CA GLN A 104 -42.07 1.61 -15.59
C GLN A 104 -41.48 2.91 -16.17
N ILE A 105 -40.60 2.83 -17.19
CA ILE A 105 -40.01 4.04 -17.77
C ILE A 105 -41.12 4.94 -18.35
N LYS A 106 -42.10 4.33 -19.04
CA LYS A 106 -43.22 5.10 -19.57
C LYS A 106 -43.97 5.88 -18.48
N ARG A 107 -44.20 5.26 -17.31
CA ARG A 107 -44.87 5.91 -16.20
C ARG A 107 -44.00 6.97 -15.57
N VAL A 108 -42.70 6.69 -15.40
CA VAL A 108 -41.75 7.65 -14.84
C VAL A 108 -41.71 8.93 -15.68
N LYS A 109 -41.65 8.79 -17.00
CA LYS A 109 -41.58 9.95 -17.89
C LYS A 109 -42.97 10.51 -18.28
N ASP A 110 -44.06 9.79 -17.92
CA ASP A 110 -45.45 10.11 -18.29
C ASP A 110 -45.54 10.29 -19.81
N SER A 111 -44.97 9.33 -20.56
CA SER A 111 -44.92 9.43 -22.01
C SER A 111 -44.88 8.06 -22.65
N GLU A 112 -45.62 7.91 -23.77
CA GLU A 112 -45.60 6.67 -24.55
C GLU A 112 -44.42 6.65 -25.54
N ASP A 113 -43.70 7.79 -25.70
CA ASP A 113 -42.59 7.96 -26.64
C ASP A 113 -41.31 8.39 -25.92
N VAL A 114 -40.65 7.44 -25.23
CA VAL A 114 -39.38 7.75 -24.55
C VAL A 114 -38.28 7.10 -25.37
N PRO A 115 -37.24 7.85 -25.78
CA PRO A 115 -36.12 7.23 -26.53
C PRO A 115 -35.54 6.03 -25.78
N MET A 116 -35.49 4.89 -26.45
CA MET A 116 -35.07 3.64 -25.85
C MET A 116 -34.43 2.73 -26.90
N VAL A 117 -33.48 1.92 -26.45
CA VAL A 117 -32.87 0.88 -27.28
C VAL A 117 -32.90 -0.44 -26.48
N LEU A 118 -33.24 -1.55 -27.15
CA LEU A 118 -33.26 -2.85 -26.49
C LEU A 118 -31.89 -3.46 -26.73
N VAL A 119 -31.18 -3.84 -25.66
CA VAL A 119 -29.84 -4.37 -25.79
C VAL A 119 -29.75 -5.80 -25.32
N GLY A 120 -29.26 -6.68 -26.20
CA GLY A 120 -29.04 -8.08 -25.88
C GLY A 120 -27.55 -8.29 -25.70
N ASN A 121 -27.10 -8.31 -24.45
CA ASN A 121 -25.69 -8.40 -24.10
C ASN A 121 -25.20 -9.85 -23.94
N LYS A 122 -23.84 -10.00 -23.92
CA LYS A 122 -23.12 -11.26 -23.81
C LYS A 122 -23.19 -12.06 -25.12
N CYS A 123 -23.32 -11.37 -26.27
CA CYS A 123 -23.40 -12.10 -27.53
CA CYS A 123 -23.38 -12.00 -27.59
C CYS A 123 -22.10 -12.77 -27.95
N ASP A 124 -21.01 -12.61 -27.17
CA ASP A 124 -19.76 -13.34 -27.41
C ASP A 124 -19.93 -14.82 -27.03
N LEU A 125 -20.91 -15.16 -26.16
CA LEU A 125 -21.15 -16.53 -25.76
C LEU A 125 -21.99 -17.17 -26.86
N PRO A 126 -21.52 -18.29 -27.42
CA PRO A 126 -22.32 -18.95 -28.47
C PRO A 126 -23.59 -19.64 -27.92
N SER A 127 -23.67 -19.82 -26.59
CA SER A 127 -24.79 -20.42 -25.86
C SER A 127 -25.89 -19.39 -25.65
N ARG A 128 -27.00 -19.47 -26.40
CA ARG A 128 -28.10 -18.52 -26.26
C ARG A 128 -29.38 -19.16 -25.74
N THR A 129 -29.85 -18.76 -24.56
CA THR A 129 -31.14 -19.24 -24.06
C THR A 129 -32.29 -18.33 -24.55
N VAL A 130 -31.98 -17.07 -24.93
CA VAL A 130 -32.98 -16.13 -25.42
C VAL A 130 -32.92 -16.07 -26.93
N ASP A 131 -34.06 -16.31 -27.59
CA ASP A 131 -34.16 -16.27 -29.05
C ASP A 131 -34.03 -14.83 -29.51
N THR A 132 -32.96 -14.51 -30.25
CA THR A 132 -32.74 -13.13 -30.71
C THR A 132 -33.80 -12.68 -31.74
N LYS A 133 -34.54 -13.60 -32.35
CA LYS A 133 -35.63 -13.24 -33.25
C LYS A 133 -36.79 -12.66 -32.42
N GLN A 134 -37.08 -13.27 -31.26
CA GLN A 134 -38.10 -12.80 -30.32
C GLN A 134 -37.72 -11.44 -29.73
N ALA A 135 -36.40 -11.17 -29.55
CA ALA A 135 -35.95 -9.87 -29.05
C ALA A 135 -36.17 -8.84 -30.17
N GLN A 136 -35.80 -9.18 -31.43
CA GLN A 136 -35.98 -8.23 -32.54
C GLN A 136 -37.48 -7.91 -32.75
N ASP A 137 -38.36 -8.90 -32.51
CA ASP A 137 -39.82 -8.74 -32.63
C ASP A 137 -40.39 -7.94 -31.44
N LEU A 138 -39.78 -8.09 -30.25
CA LEU A 138 -40.23 -7.32 -29.09
C LEU A 138 -39.86 -5.84 -29.33
N ALA A 139 -38.63 -5.59 -29.82
CA ALA A 139 -38.22 -4.23 -30.18
C ALA A 139 -39.11 -3.63 -31.30
N ARG A 140 -39.46 -4.44 -32.33
CA ARG A 140 -40.32 -3.98 -33.43
C ARG A 140 -41.69 -3.57 -32.88
N SER A 141 -42.24 -4.40 -31.96
CA SER A 141 -43.53 -4.13 -31.30
C SER A 141 -43.51 -2.79 -30.55
N TYR A 142 -42.35 -2.44 -29.96
CA TYR A 142 -42.16 -1.19 -29.23
C TYR A 142 -41.80 0.00 -30.13
N GLY A 143 -41.41 -0.26 -31.38
CA GLY A 143 -40.96 0.78 -32.29
C GLY A 143 -39.57 1.28 -31.97
N ILE A 144 -38.71 0.40 -31.41
CA ILE A 144 -37.34 0.80 -31.03
C ILE A 144 -36.28 -0.14 -31.64
N PRO A 145 -35.02 0.34 -31.69
CA PRO A 145 -33.96 -0.52 -32.22
C PRO A 145 -33.57 -1.62 -31.24
N PHE A 146 -33.08 -2.75 -31.79
CA PHE A 146 -32.54 -3.85 -31.01
C PHE A 146 -31.07 -3.94 -31.40
N ILE A 147 -30.19 -3.92 -30.39
CA ILE A 147 -28.76 -3.97 -30.63
C ILE A 147 -28.18 -5.14 -29.86
N GLU A 148 -27.32 -5.92 -30.52
CA GLU A 148 -26.62 -7.01 -29.84
C GLU A 148 -25.25 -6.49 -29.40
N THR A 149 -24.83 -6.82 -28.15
CA THR A 149 -23.55 -6.37 -27.66
C THR A 149 -22.76 -7.44 -26.97
N SER A 150 -21.44 -7.20 -26.86
CA SER A 150 -20.55 -7.98 -26.04
C SER A 150 -19.63 -6.97 -25.37
N ALA A 151 -19.81 -6.78 -24.07
CA ALA A 151 -18.88 -5.95 -23.30
C ALA A 151 -17.48 -6.61 -23.30
N LYS A 152 -17.40 -7.96 -23.46
CA LYS A 152 -16.15 -8.72 -23.46
C LYS A 152 -15.30 -8.47 -24.72
N THR A 153 -15.90 -8.64 -25.92
CA THR A 153 -15.17 -8.38 -27.18
C THR A 153 -15.23 -6.95 -27.66
N ARG A 154 -16.19 -6.15 -27.11
CA ARG A 154 -16.51 -4.77 -27.45
C ARG A 154 -17.48 -4.65 -28.64
N GLN A 155 -17.83 -5.79 -29.28
CA GLN A 155 -18.73 -5.76 -30.44
C GLN A 155 -20.08 -5.16 -30.07
N GLY A 156 -20.49 -4.12 -30.79
CA GLY A 156 -21.80 -3.49 -30.57
C GLY A 156 -21.88 -2.48 -29.44
N VAL A 157 -20.83 -2.34 -28.64
CA VAL A 157 -20.87 -1.44 -27.49
C VAL A 157 -21.12 0.01 -27.89
N ASP A 158 -20.29 0.56 -28.81
CA ASP A 158 -20.51 1.91 -29.31
C ASP A 158 -21.87 1.98 -30.00
N ASP A 159 -22.18 0.96 -30.82
CA ASP A 159 -23.45 0.92 -31.54
C ASP A 159 -24.67 1.08 -30.59
N ALA A 160 -24.69 0.38 -29.46
CA ALA A 160 -25.79 0.49 -28.51
C ALA A 160 -25.98 1.93 -27.98
N PHE A 161 -24.90 2.57 -27.50
CA PHE A 161 -25.01 3.91 -26.93
C PHE A 161 -25.20 4.97 -28.01
N TYR A 162 -24.53 4.82 -29.18
CA TYR A 162 -24.64 5.81 -30.28
C TYR A 162 -26.02 5.77 -30.90
N THR A 163 -26.60 4.57 -31.03
CA THR A 163 -27.97 4.42 -31.54
C THR A 163 -28.95 5.11 -30.57
N LEU A 164 -28.69 5.01 -29.25
CA LEU A 164 -29.56 5.67 -28.29
C LEU A 164 -29.47 7.20 -28.45
N VAL A 165 -28.25 7.75 -28.67
CA VAL A 165 -28.06 9.19 -28.90
C VAL A 165 -28.85 9.61 -30.16
N ARG A 166 -28.79 8.78 -31.20
CA ARG A 166 -29.52 9.07 -32.45
C ARG A 166 -31.04 9.05 -32.24
N GLU A 167 -31.55 8.14 -31.39
CA GLU A 167 -32.98 8.08 -31.04
C GLU A 167 -33.39 9.36 -30.29
N ILE A 168 -32.49 9.86 -29.40
CA ILE A 168 -32.76 11.08 -28.64
C ILE A 168 -32.87 12.26 -29.60
N ARG A 169 -31.92 12.37 -30.56
CA ARG A 169 -31.92 13.42 -31.59
C ARG A 169 -33.22 13.40 -32.39
N LYS A 170 -33.65 12.21 -32.81
CA LYS A 170 -34.89 11.98 -33.56
C LYS A 170 -36.09 12.50 -32.74
N HIS A 171 -36.07 12.28 -31.42
CA HIS A 171 -37.12 12.72 -30.53
C HIS A 171 -37.12 14.24 -30.37
N LYS A 172 -35.93 14.84 -30.22
CA LYS A 172 -35.79 16.28 -30.03
C LYS A 172 -36.29 17.04 -31.26
N GLU A 173 -35.88 16.58 -32.46
CA GLU A 173 -36.30 17.22 -33.71
C GLU A 173 -37.80 17.07 -33.98
N LYS A 174 -38.41 15.97 -33.52
CA LYS A 174 -39.85 15.77 -33.71
C LYS A 174 -40.69 16.68 -32.78
N GLN B 1 -8.16 -13.92 9.48
CA GLN B 1 -8.42 -15.22 8.87
C GLN B 1 -7.73 -15.30 7.50
N VAL B 2 -7.89 -14.25 6.68
CA VAL B 2 -7.25 -14.23 5.37
C VAL B 2 -5.82 -13.72 5.57
N GLN B 3 -4.86 -14.50 5.09
CA GLN B 3 -3.45 -14.15 5.19
C GLN B 3 -2.75 -14.26 3.82
N LEU B 4 -1.87 -13.30 3.56
CA LEU B 4 -1.10 -13.25 2.31
C LEU B 4 0.38 -13.27 2.68
N GLN B 5 1.20 -14.00 1.91
CA GLN B 5 2.62 -14.08 2.21
C GLN B 5 3.48 -14.17 0.95
N GLU B 6 4.34 -13.17 0.76
CA GLU B 6 5.26 -13.08 -0.37
C GLU B 6 6.44 -14.00 -0.11
N SER B 7 7.00 -14.50 -1.20
CA SER B 7 8.21 -15.31 -1.16
C SER B 7 8.96 -15.20 -2.51
N GLY B 8 10.24 -15.47 -2.45
CA GLY B 8 11.09 -15.39 -3.63
C GLY B 8 12.43 -14.79 -3.33
N PRO B 9 13.35 -14.90 -4.31
CA PRO B 9 14.71 -14.41 -4.10
C PRO B 9 14.78 -12.94 -3.69
N GLY B 10 15.63 -12.64 -2.73
CA GLY B 10 15.88 -11.28 -2.24
C GLY B 10 16.99 -10.56 -3.01
N LEU B 11 17.60 -11.23 -4.01
CA LEU B 11 18.67 -10.67 -4.81
C LEU B 11 18.43 -11.02 -6.30
N VAL B 12 18.48 -10.01 -7.19
CA VAL B 12 18.31 -10.19 -8.64
C VAL B 12 19.39 -9.38 -9.36
N LYS B 13 20.03 -9.96 -10.38
CA LYS B 13 21.06 -9.24 -11.11
C LYS B 13 20.46 -8.25 -12.09
N PRO B 14 21.13 -7.11 -12.33
CA PRO B 14 20.61 -6.17 -13.36
C PRO B 14 20.42 -6.84 -14.72
N SER B 15 19.33 -6.47 -15.39
CA SER B 15 18.87 -6.98 -16.71
C SER B 15 18.11 -8.31 -16.59
N GLU B 16 18.23 -9.02 -15.46
CA GLU B 16 17.56 -10.29 -15.28
C GLU B 16 16.11 -10.11 -14.78
N THR B 17 15.39 -11.21 -14.54
CA THR B 17 13.99 -11.15 -14.18
C THR B 17 13.76 -11.43 -12.70
N LEU B 18 12.98 -10.54 -12.09
CA LEU B 18 12.59 -10.66 -10.69
C LEU B 18 11.31 -11.54 -10.66
N SER B 19 11.29 -12.60 -9.84
CA SER B 19 10.11 -13.46 -9.70
C SER B 19 9.68 -13.57 -8.23
N LEU B 20 8.39 -13.31 -7.95
CA LEU B 20 7.85 -13.43 -6.60
C LEU B 20 6.52 -14.19 -6.65
N THR B 21 6.20 -14.83 -5.55
CA THR B 21 4.93 -15.52 -5.39
C THR B 21 4.27 -15.07 -4.09
N CYS B 22 2.94 -15.00 -4.10
CA CYS B 22 2.15 -14.69 -2.96
C CYS B 22 1.27 -15.88 -2.65
N ALA B 23 1.50 -16.51 -1.49
CA ALA B 23 0.70 -17.64 -1.02
C ALA B 23 -0.50 -17.07 -0.27
N VAL B 24 -1.70 -17.47 -0.67
CA VAL B 24 -2.92 -17.00 -0.02
C VAL B 24 -3.51 -18.09 0.86
N SER B 25 -3.98 -17.72 2.05
CA SER B 25 -4.64 -18.67 2.94
C SER B 25 -5.89 -18.03 3.56
N GLY B 26 -6.87 -18.87 3.87
CA GLY B 26 -8.11 -18.39 4.47
C GLY B 26 -9.19 -17.94 3.50
N TYR B 27 -8.84 -17.90 2.21
CA TYR B 27 -9.76 -17.50 1.15
C TYR B 27 -9.22 -18.08 -0.17
N SER B 28 -10.13 -18.47 -1.08
CA SER B 28 -9.70 -19.01 -2.36
C SER B 28 -9.67 -17.94 -3.45
N ILE B 29 -8.56 -17.82 -4.20
CA ILE B 29 -8.46 -16.87 -5.31
C ILE B 29 -9.59 -17.10 -6.35
N SER B 30 -9.98 -18.36 -6.53
CA SER B 30 -11.05 -18.75 -7.45
C SER B 30 -12.45 -18.26 -7.00
N SER B 31 -12.61 -17.88 -5.72
CA SER B 31 -13.91 -17.39 -5.24
C SER B 31 -14.22 -15.95 -5.63
N GLY B 32 -13.19 -15.13 -5.79
CA GLY B 32 -13.39 -13.72 -6.10
C GLY B 32 -12.19 -12.88 -5.71
N TYR B 33 -12.41 -11.56 -5.59
CA TYR B 33 -11.41 -10.54 -5.31
C TYR B 33 -10.40 -10.36 -6.46
N TYR B 34 -9.73 -9.20 -6.46
CA TYR B 34 -8.62 -8.85 -7.35
C TYR B 34 -7.37 -8.98 -6.49
N TRP B 35 -6.26 -9.40 -7.11
CA TRP B 35 -5.06 -9.76 -6.34
C TRP B 35 -3.92 -8.98 -6.93
N GLY B 36 -3.39 -8.08 -6.11
CA GLY B 36 -2.44 -7.09 -6.60
C GLY B 36 -1.05 -7.12 -6.03
N TRP B 37 -0.17 -6.42 -6.75
CA TRP B 37 1.22 -6.20 -6.34
C TRP B 37 1.44 -4.71 -6.22
N ILE B 38 2.05 -4.29 -5.10
CA ILE B 38 2.39 -2.91 -4.83
C ILE B 38 3.82 -2.90 -4.30
N ARG B 39 4.63 -1.93 -4.71
CA ARG B 39 6.03 -1.87 -4.24
C ARG B 39 6.41 -0.54 -3.62
N GLN B 40 7.50 -0.56 -2.82
CA GLN B 40 7.95 0.61 -2.12
C GLN B 40 9.47 0.62 -2.11
N PRO B 41 10.09 1.44 -2.96
CA PRO B 41 11.56 1.56 -2.92
C PRO B 41 11.99 2.09 -1.54
N PRO B 42 13.20 1.71 -1.08
CA PRO B 42 13.66 2.17 0.24
C PRO B 42 13.51 3.67 0.46
N GLY B 43 12.84 4.05 1.55
CA GLY B 43 12.61 5.44 1.95
C GLY B 43 11.63 6.20 1.08
N LYS B 44 10.94 5.51 0.16
CA LYS B 44 10.02 6.19 -0.76
C LYS B 44 8.54 5.74 -0.56
N GLY B 45 7.66 6.17 -1.47
CA GLY B 45 6.25 5.85 -1.38
C GLY B 45 5.83 4.53 -1.99
N LEU B 46 4.53 4.38 -2.18
CA LEU B 46 3.91 3.18 -2.71
C LEU B 46 3.60 3.35 -4.18
N GLU B 47 3.82 2.28 -4.96
CA GLU B 47 3.54 2.30 -6.39
C GLU B 47 2.81 1.03 -6.73
N TRP B 48 1.61 1.16 -7.28
CA TRP B 48 0.83 0.01 -7.67
C TRP B 48 1.44 -0.53 -8.98
N ILE B 49 1.62 -1.86 -9.03
CA ILE B 49 2.25 -2.52 -10.15
C ILE B 49 1.21 -3.10 -11.10
N GLY B 50 0.29 -3.86 -10.52
CA GLY B 50 -0.75 -4.50 -11.31
C GLY B 50 -1.66 -5.38 -10.49
N SER B 51 -2.81 -5.75 -11.04
CA SER B 51 -3.76 -6.62 -10.36
C SER B 51 -4.32 -7.63 -11.34
N ILE B 52 -4.75 -8.77 -10.81
CA ILE B 52 -5.31 -9.86 -11.62
C ILE B 52 -6.53 -10.49 -10.94
N TYR B 53 -7.42 -11.03 -11.77
CA TYR B 53 -8.60 -11.77 -11.36
C TYR B 53 -8.35 -13.27 -11.66
N HIS B 54 -9.06 -14.18 -10.96
CA HIS B 54 -8.87 -15.63 -11.17
C HIS B 54 -9.02 -16.07 -12.63
N SER B 55 -9.71 -15.28 -13.46
CA SER B 55 -9.91 -15.56 -14.89
C SER B 55 -8.66 -15.31 -15.74
N GLY B 56 -7.66 -14.62 -15.19
CA GLY B 56 -6.45 -14.26 -15.90
C GLY B 56 -6.44 -12.80 -16.31
N SER B 57 -7.61 -12.10 -16.24
CA SER B 57 -7.70 -10.70 -16.61
C SER B 57 -6.72 -9.85 -15.75
N THR B 58 -5.78 -9.15 -16.42
CA THR B 58 -4.75 -8.35 -15.75
C THR B 58 -4.84 -6.84 -16.08
N TYR B 59 -4.53 -6.00 -15.08
CA TYR B 59 -4.57 -4.55 -15.20
C TYR B 59 -3.22 -4.04 -14.73
N TYR B 60 -2.64 -3.10 -15.47
CA TYR B 60 -1.26 -2.67 -15.22
C TYR B 60 -1.00 -1.20 -15.00
N ASN B 61 0.08 -0.93 -14.25
CA ASN B 61 0.62 0.42 -14.17
C ASN B 61 1.25 0.65 -15.59
N PRO B 62 0.80 1.69 -16.30
CA PRO B 62 1.28 1.91 -17.68
C PRO B 62 2.79 2.09 -17.83
N SER B 63 3.47 2.67 -16.83
CA SER B 63 4.94 2.85 -16.91
C SER B 63 5.73 1.55 -16.73
N LEU B 64 5.10 0.50 -16.19
CA LEU B 64 5.77 -0.80 -16.00
C LEU B 64 5.19 -1.92 -16.87
N LYS B 65 4.07 -1.66 -17.55
CA LYS B 65 3.34 -2.67 -18.32
C LYS B 65 4.20 -3.59 -19.19
N SER B 66 5.12 -3.03 -20.00
CA SER B 66 5.95 -3.85 -20.89
CA SER B 66 5.93 -3.86 -20.89
C SER B 66 6.85 -4.85 -20.17
N ARG B 67 7.12 -4.63 -18.87
CA ARG B 67 8.00 -5.52 -18.10
C ARG B 67 7.32 -6.46 -17.12
N VAL B 68 6.01 -6.26 -16.89
CA VAL B 68 5.26 -7.01 -15.90
C VAL B 68 4.43 -8.17 -16.45
N THR B 69 4.54 -9.32 -15.78
CA THR B 69 3.72 -10.47 -16.03
C THR B 69 3.14 -10.90 -14.68
N ILE B 70 1.83 -10.91 -14.58
CA ILE B 70 1.15 -11.36 -13.38
C ILE B 70 0.37 -12.62 -13.73
N SER B 71 0.48 -13.65 -12.89
CA SER B 71 -0.19 -14.93 -13.13
CA SER B 71 -0.21 -14.90 -13.13
C SER B 71 -0.87 -15.47 -11.86
N VAL B 72 -1.88 -16.34 -12.04
CA VAL B 72 -2.58 -16.97 -10.94
C VAL B 72 -2.55 -18.49 -11.05
N ASP B 73 -2.49 -19.17 -9.90
CA ASP B 73 -2.55 -20.65 -9.82
C ASP B 73 -3.64 -20.97 -8.80
N THR B 74 -4.87 -21.23 -9.26
CA THR B 74 -6.02 -21.45 -8.38
C THR B 74 -5.97 -22.76 -7.60
N SER B 75 -5.25 -23.75 -8.12
CA SER B 75 -5.13 -25.05 -7.47
CA SER B 75 -5.13 -25.06 -7.47
C SER B 75 -4.21 -24.96 -6.26
N LYS B 76 -3.10 -24.21 -6.39
CA LYS B 76 -2.12 -23.95 -5.32
C LYS B 76 -2.51 -22.75 -4.43
N ASN B 77 -3.50 -21.94 -4.90
CA ASN B 77 -4.01 -20.76 -4.21
C ASN B 77 -2.91 -19.75 -4.03
N GLN B 78 -2.20 -19.47 -5.13
CA GLN B 78 -1.12 -18.49 -5.14
C GLN B 78 -1.24 -17.60 -6.37
N PHE B 79 -0.57 -16.44 -6.34
CA PHE B 79 -0.44 -15.60 -7.52
C PHE B 79 0.99 -15.05 -7.55
N SER B 80 1.47 -14.71 -8.74
CA SER B 80 2.87 -14.37 -8.94
C SER B 80 3.13 -13.11 -9.75
N LEU B 81 4.37 -12.60 -9.63
CA LEU B 81 4.82 -11.42 -10.35
C LEU B 81 6.15 -11.75 -11.01
N LYS B 82 6.29 -11.37 -12.25
CA LYS B 82 7.56 -11.42 -12.98
C LYS B 82 7.80 -10.01 -13.50
N LEU B 83 8.95 -9.43 -13.17
CA LEU B 83 9.31 -8.10 -13.63
C LEU B 83 10.65 -8.23 -14.39
N SER B 84 10.62 -8.10 -15.72
CA SER B 84 11.83 -8.31 -16.52
C SER B 84 12.75 -7.08 -16.60
N SER B 85 14.01 -7.32 -17.08
CA SER B 85 15.02 -6.30 -17.32
C SER B 85 15.15 -5.33 -16.14
N VAL B 86 15.30 -5.89 -14.93
CA VAL B 86 15.40 -5.04 -13.73
C VAL B 86 16.64 -4.17 -13.71
N THR B 87 16.50 -3.00 -13.09
CA THR B 87 17.56 -2.03 -12.83
C THR B 87 17.54 -1.69 -11.30
N ALA B 88 18.48 -0.85 -10.81
CA ALA B 88 18.49 -0.45 -9.41
C ALA B 88 17.19 0.29 -9.02
N ALA B 89 16.48 0.89 -10.00
CA ALA B 89 15.20 1.54 -9.69
C ALA B 89 14.10 0.53 -9.28
N ASP B 90 14.32 -0.78 -9.51
CA ASP B 90 13.39 -1.81 -9.10
C ASP B 90 13.71 -2.40 -7.71
N THR B 91 14.79 -1.90 -7.04
CA THR B 91 15.10 -2.31 -5.68
C THR B 91 13.98 -1.75 -4.78
N ALA B 92 13.28 -2.64 -4.10
CA ALA B 92 12.10 -2.23 -3.32
C ALA B 92 11.53 -3.35 -2.49
N VAL B 93 10.66 -3.00 -1.51
CA VAL B 93 9.91 -4.01 -0.81
C VAL B 93 8.66 -4.23 -1.69
N TYR B 94 8.40 -5.47 -2.03
CA TYR B 94 7.26 -5.82 -2.85
C TYR B 94 6.20 -6.42 -1.96
N TYR B 95 4.97 -5.88 -2.04
CA TYR B 95 3.81 -6.34 -1.30
C TYR B 95 2.75 -6.94 -2.19
N CYS B 96 2.10 -7.99 -1.71
CA CYS B 96 0.88 -8.46 -2.35
C CYS B 96 -0.29 -8.02 -1.47
N ALA B 97 -1.45 -7.84 -2.09
CA ALA B 97 -2.64 -7.38 -1.37
C ALA B 97 -3.85 -7.79 -2.21
N ARG B 98 -5.04 -7.78 -1.60
CA ARG B 98 -6.25 -8.07 -2.37
C ARG B 98 -7.26 -6.95 -2.20
N GLN B 99 -8.17 -6.80 -3.19
CA GLN B 99 -9.29 -5.84 -3.10
C GLN B 99 -10.58 -6.54 -3.59
N ARG B 100 -11.77 -6.27 -2.99
CA ARG B 100 -12.95 -7.07 -3.33
C ARG B 100 -13.43 -6.94 -4.76
N TYR B 101 -13.46 -5.71 -5.24
CA TYR B 101 -13.98 -5.41 -6.55
C TYR B 101 -12.91 -4.72 -7.43
N TRP B 102 -13.17 -4.65 -8.73
CA TRP B 102 -12.23 -4.08 -9.68
C TRP B 102 -11.89 -2.64 -9.36
N SER B 103 -12.90 -1.84 -9.04
CA SER B 103 -12.72 -0.45 -8.71
C SER B 103 -13.59 -0.09 -7.50
N LYS B 104 -13.41 1.13 -6.99
CA LYS B 104 -14.22 1.68 -5.93
C LYS B 104 -14.21 0.80 -4.67
N SER B 105 -13.03 0.19 -4.42
CA SER B 105 -12.80 -0.75 -3.35
C SER B 105 -11.52 -0.35 -2.60
N TYR B 106 -10.99 -1.24 -1.76
CA TYR B 106 -9.78 -0.96 -1.00
C TYR B 106 -8.92 -2.21 -0.86
N PHE B 107 -7.63 -2.05 -0.56
CA PHE B 107 -6.74 -3.18 -0.35
C PHE B 107 -6.77 -3.65 1.10
N ARG B 108 -7.11 -4.91 1.33
CA ARG B 108 -7.11 -5.48 2.66
C ARG B 108 -7.30 -6.99 2.61
N PRO B 109 -6.44 -7.77 3.29
CA PRO B 109 -5.17 -7.37 3.91
C PRO B 109 -4.04 -7.35 2.86
N TRP B 110 -2.84 -7.07 3.36
CA TRP B 110 -1.59 -7.03 2.60
C TRP B 110 -0.66 -8.12 3.17
N GLY B 111 0.28 -8.54 2.36
CA GLY B 111 1.34 -9.44 2.85
C GLY B 111 2.29 -8.62 3.73
N GLN B 112 3.29 -9.29 4.28
CA GLN B 112 4.29 -8.63 5.12
C GLN B 112 5.32 -7.80 4.31
N GLY B 113 5.43 -8.08 3.01
CA GLY B 113 6.41 -7.46 2.12
C GLY B 113 7.69 -8.28 2.06
N THR B 114 8.34 -8.25 0.88
CA THR B 114 9.63 -8.93 0.72
C THR B 114 10.60 -7.98 -0.01
N LEU B 115 11.79 -7.77 0.55
CA LEU B 115 12.76 -6.87 -0.05
C LEU B 115 13.46 -7.59 -1.19
N VAL B 116 13.54 -6.92 -2.33
CA VAL B 116 14.31 -7.44 -3.47
C VAL B 116 15.36 -6.37 -3.80
N THR B 117 16.65 -6.78 -3.81
CA THR B 117 17.74 -5.89 -4.14
C THR B 117 18.31 -6.22 -5.55
N VAL B 118 18.44 -5.22 -6.41
CA VAL B 118 19.00 -5.41 -7.75
C VAL B 118 20.46 -5.07 -7.68
N SER B 119 21.30 -6.09 -7.85
CA SER B 119 22.75 -5.90 -7.74
C SER B 119 23.48 -7.02 -8.46
N SER B 120 24.71 -6.72 -8.92
CA SER B 120 25.59 -7.73 -9.51
C SER B 120 26.41 -8.48 -8.42
N ALA B 121 26.42 -7.97 -7.18
CA ALA B 121 27.20 -8.57 -6.10
C ALA B 121 26.63 -9.91 -5.57
N SER B 122 27.49 -10.73 -4.97
CA SER B 122 27.09 -12.03 -4.45
C SER B 122 26.64 -11.94 -2.99
N THR B 123 25.81 -12.90 -2.57
CA THR B 123 25.38 -12.97 -1.17
C THR B 123 26.57 -13.28 -0.28
N LYS B 124 26.51 -12.84 0.97
CA LYS B 124 27.55 -13.10 1.94
C LYS B 124 26.92 -13.00 3.30
N GLY B 125 27.18 -13.99 4.13
CA GLY B 125 26.65 -14.04 5.48
C GLY B 125 27.44 -13.18 6.44
N PRO B 126 26.80 -12.77 7.53
CA PRO B 126 27.48 -11.87 8.48
C PRO B 126 28.37 -12.57 9.47
N SER B 127 29.26 -11.80 10.10
CA SER B 127 30.04 -12.18 11.26
C SER B 127 29.29 -11.51 12.45
N VAL B 128 29.25 -12.17 13.61
CA VAL B 128 28.54 -11.60 14.76
C VAL B 128 29.47 -11.49 15.93
N PHE B 129 29.62 -10.26 16.46
CA PHE B 129 30.53 -10.02 17.58
C PHE B 129 29.76 -9.41 18.75
N PRO B 130 30.17 -9.74 19.98
CA PRO B 130 29.49 -9.18 21.15
C PRO B 130 29.83 -7.71 21.42
N LEU B 131 28.84 -6.98 21.94
CA LEU B 131 28.96 -5.61 22.45
C LEU B 131 28.76 -5.86 23.95
N ALA B 132 29.88 -6.16 24.64
CA ALA B 132 29.82 -6.60 26.03
C ALA B 132 29.44 -5.50 27.03
N PRO B 133 28.67 -5.88 28.07
CA PRO B 133 28.29 -4.89 29.09
C PRO B 133 29.52 -4.40 29.85
N SER B 134 29.68 -3.08 29.93
CA SER B 134 30.81 -2.42 30.57
C SER B 134 30.98 -2.88 32.03
N SER B 135 32.24 -3.07 32.46
CA SER B 135 32.59 -3.44 33.83
C SER B 135 32.23 -2.30 34.81
N LYS B 136 32.13 -1.05 34.32
CA LYS B 136 31.78 0.11 35.13
C LYS B 136 30.25 0.36 35.15
N SER B 137 29.41 -0.63 34.76
CA SER B 137 27.95 -0.52 34.78
C SER B 137 27.48 -0.14 36.20
N THR B 138 26.64 0.90 36.31
CA THR B 138 26.18 1.41 37.60
C THR B 138 25.51 0.33 38.43
N SER B 139 25.98 0.10 39.67
CA SER B 139 25.40 -0.91 40.55
C SER B 139 23.96 -0.52 40.88
N GLY B 140 23.02 -1.42 40.61
CA GLY B 140 21.60 -1.15 40.82
C GLY B 140 20.96 -0.27 39.76
N GLY B 141 21.72 0.11 38.74
CA GLY B 141 21.22 0.94 37.66
C GLY B 141 20.91 0.15 36.40
N THR B 142 21.15 0.79 35.25
CA THR B 142 20.91 0.18 33.95
C THR B 142 22.18 -0.01 33.14
N ALA B 143 22.36 -1.22 32.60
CA ALA B 143 23.49 -1.58 31.73
C ALA B 143 23.00 -1.76 30.29
N ALA B 144 23.92 -1.70 29.33
CA ALA B 144 23.57 -1.93 27.93
C ALA B 144 24.53 -2.96 27.36
N LEU B 145 24.00 -3.77 26.45
CA LEU B 145 24.78 -4.79 25.78
C LEU B 145 24.17 -4.98 24.39
N GLY B 146 24.84 -5.75 23.56
CA GLY B 146 24.30 -6.02 22.23
C GLY B 146 25.16 -6.89 21.34
N CYS B 147 24.86 -6.85 20.04
CA CYS B 147 25.62 -7.58 19.04
C CYS B 147 25.84 -6.75 17.85
N LEU B 148 27.06 -6.83 17.34
CA LEU B 148 27.49 -6.16 16.13
C LEU B 148 27.38 -7.20 15.00
N VAL B 149 26.57 -6.91 13.99
CA VAL B 149 26.33 -7.82 12.87
C VAL B 149 26.96 -7.22 11.63
N LYS B 150 28.12 -7.76 11.25
CA LYS B 150 28.97 -7.15 10.24
C LYS B 150 29.23 -7.90 8.95
N ASP B 151 29.41 -7.12 7.86
CA ASP B 151 29.85 -7.60 6.57
C ASP B 151 28.93 -8.63 5.90
N TYR B 152 27.64 -8.26 5.71
CA TYR B 152 26.72 -9.17 5.02
C TYR B 152 26.13 -8.49 3.77
N PHE B 153 25.52 -9.29 2.90
CA PHE B 153 24.89 -8.76 1.69
C PHE B 153 23.96 -9.83 1.13
N PRO B 154 22.77 -9.48 0.64
CA PRO B 154 22.11 -8.17 0.69
C PRO B 154 21.35 -8.03 2.04
N GLU B 155 20.57 -6.95 2.19
CA GLU B 155 19.65 -6.82 3.30
C GLU B 155 18.47 -7.81 3.02
N PRO B 156 17.77 -8.24 4.07
CA PRO B 156 17.91 -7.84 5.47
C PRO B 156 18.44 -8.96 6.37
N VAL B 157 18.80 -8.60 7.62
CA VAL B 157 19.08 -9.59 8.64
C VAL B 157 18.00 -9.37 9.71
N THR B 158 17.67 -10.44 10.43
CA THR B 158 16.74 -10.32 11.56
C THR B 158 17.51 -10.64 12.81
N VAL B 159 17.26 -9.85 13.85
CA VAL B 159 17.91 -10.10 15.12
C VAL B 159 16.82 -10.22 16.16
N SER B 160 16.90 -11.26 16.98
CA SER B 160 16.02 -11.42 18.13
C SER B 160 16.91 -11.65 19.37
N TRP B 161 16.36 -11.50 20.57
CA TRP B 161 17.12 -11.72 21.79
C TRP B 161 16.48 -12.82 22.62
N ASN B 162 17.28 -13.77 23.12
CA ASN B 162 16.81 -14.90 23.92
C ASN B 162 15.63 -15.64 23.27
N SER B 163 15.72 -15.82 21.93
CA SER B 163 14.77 -16.49 21.03
C SER B 163 13.46 -15.71 20.74
N GLY B 164 13.41 -14.45 21.17
CA GLY B 164 12.22 -13.62 21.02
C GLY B 164 11.51 -13.31 22.33
N ALA B 165 12.05 -13.83 23.45
CA ALA B 165 11.55 -13.63 24.81
C ALA B 165 11.91 -12.24 25.34
N LEU B 166 13.07 -11.70 24.90
CA LEU B 166 13.50 -10.37 25.35
C LEU B 166 13.21 -9.38 24.20
N THR B 167 12.24 -8.49 24.41
CA THR B 167 11.87 -7.49 23.40
C THR B 167 11.94 -6.07 23.98
N SER B 168 11.66 -5.91 25.29
CA SER B 168 11.67 -4.62 25.96
C SER B 168 13.05 -3.99 25.98
N GLY B 169 13.14 -2.76 25.51
CA GLY B 169 14.40 -2.02 25.50
C GLY B 169 15.37 -2.41 24.40
N VAL B 170 14.91 -3.23 23.45
CA VAL B 170 15.76 -3.66 22.33
C VAL B 170 15.70 -2.59 21.22
N HIS B 171 16.87 -2.24 20.64
CA HIS B 171 16.92 -1.34 19.50
C HIS B 171 17.83 -1.99 18.46
N THR B 172 17.26 -2.43 17.35
CA THR B 172 18.05 -3.00 16.27
C THR B 172 18.17 -1.89 15.23
N PHE B 173 19.37 -1.34 15.06
CA PHE B 173 19.57 -0.21 14.17
C PHE B 173 19.44 -0.56 12.70
N PRO B 174 18.98 0.42 11.90
CA PRO B 174 19.00 0.25 10.44
C PRO B 174 20.46 0.05 9.98
N ALA B 175 20.66 -0.87 9.05
CA ALA B 175 22.02 -1.16 8.55
C ALA B 175 22.62 0.03 7.84
N VAL B 176 23.96 0.10 7.85
CA VAL B 176 24.70 1.06 7.06
C VAL B 176 25.49 0.28 6.02
N LEU B 177 25.63 0.85 4.82
CA LEU B 177 26.39 0.20 3.75
C LEU B 177 27.84 0.66 3.90
N GLN B 178 28.78 -0.27 3.97
CA GLN B 178 30.19 0.05 4.11
C GLN B 178 30.90 0.22 2.72
N SER B 179 32.13 0.78 2.72
CA SER B 179 32.93 0.98 1.52
C SER B 179 33.17 -0.33 0.77
N SER B 180 33.28 -1.44 1.52
CA SER B 180 33.48 -2.77 0.93
C SER B 180 32.27 -3.28 0.12
N GLY B 181 31.14 -2.58 0.20
CA GLY B 181 29.91 -3.02 -0.43
C GLY B 181 29.09 -3.95 0.44
N LEU B 182 29.48 -4.11 1.73
CA LEU B 182 28.79 -4.98 2.68
C LEU B 182 28.11 -4.16 3.77
N TYR B 183 26.96 -4.65 4.26
CA TYR B 183 26.22 -3.97 5.31
C TYR B 183 26.73 -4.34 6.69
N SER B 184 26.38 -3.47 7.65
CA SER B 184 26.69 -3.70 9.05
C SER B 184 25.58 -3.06 9.89
N LEU B 185 25.25 -3.69 11.00
CA LEU B 185 24.31 -3.10 11.95
C LEU B 185 24.66 -3.55 13.35
N SER B 186 24.11 -2.87 14.33
CA SER B 186 24.20 -3.32 15.71
C SER B 186 22.75 -3.46 16.25
N SER B 187 22.55 -4.38 17.20
CA SER B 187 21.28 -4.55 17.91
C SER B 187 21.67 -4.45 19.40
N VAL B 188 21.04 -3.54 20.12
CA VAL B 188 21.36 -3.38 21.55
C VAL B 188 20.13 -3.58 22.46
N VAL B 189 20.35 -3.74 23.75
CA VAL B 189 19.27 -3.82 24.71
C VAL B 189 19.77 -3.29 26.03
N THR B 190 18.91 -2.56 26.74
CA THR B 190 19.24 -2.09 28.07
C THR B 190 18.56 -3.03 29.05
N VAL B 191 19.32 -3.47 30.06
CA VAL B 191 18.90 -4.43 31.10
C VAL B 191 19.37 -3.95 32.48
N PRO B 192 18.80 -4.50 33.58
CA PRO B 192 19.29 -4.13 34.92
C PRO B 192 20.73 -4.60 35.11
N SER B 193 21.60 -3.73 35.63
CA SER B 193 23.00 -4.10 35.88
C SER B 193 23.11 -5.31 36.83
N SER B 194 22.15 -5.43 37.78
CA SER B 194 22.13 -6.53 38.75
C SER B 194 21.91 -7.91 38.09
N SER B 195 21.38 -7.95 36.86
CA SER B 195 21.13 -9.21 36.17
C SER B 195 22.34 -9.72 35.37
N LEU B 196 23.37 -8.89 35.17
CA LEU B 196 24.51 -9.25 34.34
C LEU B 196 25.22 -10.54 34.72
N GLY B 197 25.47 -10.74 36.00
CA GLY B 197 26.17 -11.94 36.45
C GLY B 197 25.37 -13.23 36.39
N THR B 198 24.05 -13.13 36.31
CA THR B 198 23.16 -14.30 36.39
C THR B 198 22.32 -14.60 35.15
N GLN B 199 21.62 -13.60 34.60
CA GLN B 199 20.76 -13.79 33.42
C GLN B 199 21.58 -13.94 32.12
N THR B 200 21.20 -14.94 31.27
CA THR B 200 21.84 -15.17 29.97
C THR B 200 21.21 -14.29 28.90
N TYR B 201 22.05 -13.64 28.08
CA TYR B 201 21.61 -12.82 26.96
C TYR B 201 22.25 -13.37 25.70
N ILE B 202 21.43 -13.79 24.77
CA ILE B 202 21.89 -14.35 23.51
C ILE B 202 21.19 -13.61 22.37
N CYS B 203 21.94 -13.19 21.33
CA CYS B 203 21.28 -12.61 20.18
C CYS B 203 21.21 -13.72 19.14
N ASN B 204 20.06 -13.83 18.53
CA ASN B 204 19.82 -14.83 17.51
C ASN B 204 19.75 -14.04 16.21
N VAL B 205 20.75 -14.23 15.35
CA VAL B 205 20.89 -13.51 14.09
C VAL B 205 20.59 -14.47 12.95
N ASN B 206 19.71 -14.06 12.04
CA ASN B 206 19.32 -14.86 10.88
C ASN B 206 19.49 -14.01 9.60
N HIS B 207 20.19 -14.57 8.62
CA HIS B 207 20.40 -13.93 7.32
C HIS B 207 20.00 -14.99 6.30
N LYS B 208 18.73 -14.93 5.88
CA LYS B 208 18.14 -15.90 4.96
C LYS B 208 18.84 -16.00 3.59
N PRO B 209 19.30 -14.91 2.92
CA PRO B 209 19.95 -15.09 1.60
C PRO B 209 21.22 -15.98 1.61
N SER B 210 21.88 -16.09 2.76
CA SER B 210 23.07 -16.95 2.88
C SER B 210 22.85 -18.19 3.76
N ASN B 211 21.62 -18.40 4.28
CA ASN B 211 21.29 -19.50 5.19
C ASN B 211 22.16 -19.49 6.44
N THR B 212 22.53 -18.28 6.91
CA THR B 212 23.34 -18.11 8.09
C THR B 212 22.41 -17.93 9.29
N LYS B 213 22.62 -18.74 10.32
CA LYS B 213 21.88 -18.69 11.57
C LYS B 213 22.95 -18.68 12.64
N VAL B 214 23.05 -17.59 13.40
CA VAL B 214 24.08 -17.44 14.42
C VAL B 214 23.50 -17.09 15.78
N ASP B 215 23.88 -17.82 16.83
CA ASP B 215 23.50 -17.50 18.20
C ASP B 215 24.78 -17.08 18.93
N LYS B 216 24.77 -15.87 19.50
CA LYS B 216 25.95 -15.36 20.19
C LYS B 216 25.59 -14.98 21.60
N LYS B 217 26.24 -15.63 22.58
CA LYS B 217 26.01 -15.30 23.97
C LYS B 217 26.83 -14.06 24.28
N VAL B 218 26.18 -13.04 24.82
CA VAL B 218 26.84 -11.79 25.18
C VAL B 218 26.92 -11.71 26.70
N GLU B 219 28.14 -11.74 27.21
CA GLU B 219 28.41 -11.72 28.63
C GLU B 219 29.53 -10.73 29.00
N PRO B 220 29.65 -10.35 30.30
CA PRO B 220 30.76 -9.46 30.69
C PRO B 220 32.12 -10.09 30.38
N LYS B 221 33.06 -9.28 29.91
CA LYS B 221 34.40 -9.78 29.54
C LYS B 221 35.23 -10.12 30.77
N SER B 222 35.93 -11.28 30.75
CA SER B 222 36.80 -11.72 31.85
C SER B 222 37.91 -10.69 32.13
N ASP C 1 -3.45 9.71 -15.90
CA ASP C 1 -3.45 9.27 -14.50
C ASP C 1 -4.03 10.33 -13.59
N ILE C 2 -4.65 9.88 -12.50
CA ILE C 2 -5.14 10.79 -11.49
C ILE C 2 -4.01 10.96 -10.48
N GLN C 3 -3.44 12.17 -10.40
CA GLN C 3 -2.33 12.41 -9.46
C GLN C 3 -2.90 12.78 -8.09
N MET C 4 -2.33 12.19 -7.03
CA MET C 4 -2.77 12.47 -5.67
C MET C 4 -1.65 13.25 -4.96
N THR C 5 -1.97 14.42 -4.40
CA THR C 5 -0.98 15.24 -3.75
C THR C 5 -1.31 15.36 -2.27
N GLN C 6 -0.43 14.87 -1.42
CA GLN C 6 -0.62 14.97 0.02
C GLN C 6 0.16 16.12 0.59
N SER C 7 -0.39 16.70 1.65
CA SER C 7 0.27 17.79 2.36
CA SER C 7 0.26 17.80 2.35
C SER C 7 -0.09 17.75 3.85
N PRO C 8 0.86 18.07 4.73
CA PRO C 8 2.27 18.39 4.44
C PRO C 8 3.03 17.07 4.22
N SER C 9 4.30 17.15 3.78
CA SER C 9 5.09 15.91 3.60
C SER C 9 5.41 15.28 4.99
N SER C 10 5.50 16.12 6.02
CA SER C 10 5.75 15.66 7.38
C SER C 10 5.30 16.74 8.36
N LEU C 11 5.01 16.31 9.57
CA LEU C 11 4.59 17.21 10.64
C LEU C 11 4.96 16.60 11.99
N SER C 12 5.06 17.46 13.00
CA SER C 12 5.34 17.09 14.38
C SER C 12 4.21 17.69 15.21
N ALA C 13 3.64 16.90 16.11
CA ALA C 13 2.57 17.39 16.96
C ALA C 13 2.64 16.70 18.32
N SER C 14 2.16 17.37 19.35
CA SER C 14 2.21 16.79 20.71
C SER C 14 1.11 15.74 20.91
N VAL C 15 1.30 14.83 21.89
CA VAL C 15 0.30 13.86 22.30
C VAL C 15 -0.96 14.65 22.76
N GLY C 16 -2.12 14.28 22.25
CA GLY C 16 -3.38 14.95 22.56
C GLY C 16 -3.78 15.98 21.53
N ASP C 17 -2.83 16.44 20.68
CA ASP C 17 -3.15 17.45 19.66
C ASP C 17 -4.05 16.89 18.55
N ARG C 18 -4.79 17.78 17.90
CA ARG C 18 -5.60 17.43 16.74
CA ARG C 18 -5.60 17.42 16.75
C ARG C 18 -4.69 17.56 15.54
N VAL C 19 -4.63 16.52 14.69
CA VAL C 19 -3.77 16.52 13.51
C VAL C 19 -4.62 16.38 12.25
N THR C 20 -4.36 17.23 11.25
CA THR C 20 -5.09 17.18 9.99
C THR C 20 -4.13 17.08 8.82
N ILE C 21 -4.32 16.06 7.99
CA ILE C 21 -3.49 15.86 6.82
C ILE C 21 -4.41 15.89 5.61
N THR C 22 -3.93 16.50 4.53
CA THR C 22 -4.77 16.69 3.36
CA THR C 22 -4.76 16.66 3.35
C THR C 22 -4.30 15.87 2.14
N CYS C 23 -5.27 15.56 1.29
CA CYS C 23 -5.02 14.83 0.09
C CYS C 23 -5.83 15.51 -1.00
N ARG C 24 -5.20 15.82 -2.10
CA ARG C 24 -5.86 16.48 -3.21
C ARG C 24 -5.74 15.62 -4.47
N ALA C 25 -6.87 15.37 -5.13
CA ALA C 25 -6.86 14.64 -6.39
C ALA C 25 -6.85 15.60 -7.59
N SER C 26 -6.14 15.25 -8.66
CA SER C 26 -6.01 16.08 -9.86
C SER C 26 -7.33 16.24 -10.64
N GLN C 27 -8.30 15.34 -10.40
CA GLN C 27 -9.66 15.40 -10.96
C GLN C 27 -10.63 14.74 -9.97
N SER C 28 -11.96 14.99 -10.10
CA SER C 28 -12.91 14.41 -9.16
C SER C 28 -12.88 12.89 -9.08
N ILE C 29 -12.86 12.36 -7.85
CA ILE C 29 -12.94 10.93 -7.57
C ILE C 29 -14.13 10.60 -6.65
N SER C 30 -15.14 11.54 -6.56
CA SER C 30 -16.33 11.35 -5.75
C SER C 30 -15.91 11.03 -4.30
N SER C 31 -16.29 9.90 -3.70
CA SER C 31 -15.81 9.55 -2.36
C SER C 31 -14.84 8.37 -2.38
N TYR C 32 -14.30 8.02 -3.55
CA TYR C 32 -13.44 6.85 -3.74
C TYR C 32 -12.00 7.14 -3.34
N LEU C 33 -11.80 7.30 -2.03
CA LEU C 33 -10.50 7.66 -1.47
C LEU C 33 -10.29 6.85 -0.21
N ASN C 34 -9.14 6.17 -0.13
CA ASN C 34 -8.83 5.37 1.05
C ASN C 34 -7.58 5.94 1.73
N TRP C 35 -7.46 5.72 3.04
CA TRP C 35 -6.28 6.13 3.79
C TRP C 35 -5.69 4.88 4.41
N TYR C 36 -4.35 4.74 4.28
CA TYR C 36 -3.58 3.67 4.89
C TYR C 36 -2.58 4.26 5.90
N GLN C 37 -2.30 3.51 6.96
CA GLN C 37 -1.30 3.87 7.96
C GLN C 37 -0.14 2.88 7.84
N GLN C 38 1.10 3.37 7.79
CA GLN C 38 2.24 2.47 7.70
C GLN C 38 3.22 2.74 8.81
N LYS C 39 3.45 1.76 9.64
CA LYS C 39 4.44 1.86 10.70
C LYS C 39 5.78 1.25 10.23
N PRO C 40 6.93 1.62 10.85
CA PRO C 40 8.21 1.08 10.37
C PRO C 40 8.28 -0.43 10.27
N GLY C 41 8.77 -0.91 9.12
CA GLY C 41 8.94 -2.33 8.86
C GLY C 41 7.65 -3.12 8.70
N LYS C 42 6.51 -2.43 8.61
CA LYS C 42 5.23 -3.09 8.43
C LYS C 42 4.56 -2.68 7.11
N ALA C 43 3.59 -3.48 6.67
CA ALA C 43 2.83 -3.15 5.48
C ALA C 43 1.86 -2.01 5.84
N PRO C 44 1.41 -1.25 4.83
CA PRO C 44 0.35 -0.26 5.08
C PRO C 44 -0.92 -0.99 5.56
N LYS C 45 -1.68 -0.34 6.41
CA LYS C 45 -2.89 -0.91 7.00
C LYS C 45 -4.04 0.03 6.71
N LEU C 46 -5.17 -0.50 6.22
CA LEU C 46 -6.32 0.34 5.93
C LEU C 46 -6.88 0.97 7.21
N LEU C 47 -7.08 2.29 7.21
CA LEU C 47 -7.75 3.02 8.30
C LEU C 47 -9.14 3.49 7.89
N ILE C 48 -9.22 4.13 6.71
CA ILE C 48 -10.49 4.72 6.23
C ILE C 48 -10.67 4.32 4.78
N TYR C 49 -11.90 3.97 4.41
CA TYR C 49 -12.22 3.69 3.02
C TYR C 49 -13.43 4.53 2.59
N ALA C 50 -13.61 4.74 1.28
CA ALA C 50 -14.76 5.53 0.81
C ALA C 50 -14.84 6.92 1.49
N ALA C 51 -13.65 7.56 1.66
CA ALA C 51 -13.42 8.91 2.21
C ALA C 51 -13.71 9.06 3.72
N SER C 52 -14.73 8.38 4.25
CA SER C 52 -15.11 8.58 5.63
C SER C 52 -15.49 7.36 6.46
N SER C 53 -15.47 6.16 5.85
CA SER C 53 -15.84 4.96 6.58
C SER C 53 -14.65 4.43 7.34
N LEU C 54 -14.79 4.35 8.67
CA LEU C 54 -13.76 3.85 9.55
C LEU C 54 -13.67 2.32 9.49
N GLN C 55 -12.46 1.78 9.24
CA GLN C 55 -12.29 0.33 9.23
C GLN C 55 -12.55 -0.22 10.66
N SER C 56 -13.28 -1.35 10.79
CA SER C 56 -13.54 -1.94 12.12
C SER C 56 -12.23 -2.28 12.83
N GLY C 57 -12.17 -1.97 14.11
CA GLY C 57 -10.97 -2.17 14.91
C GLY C 57 -10.13 -0.92 15.05
N VAL C 58 -10.26 0.03 14.10
CA VAL C 58 -9.47 1.27 14.12
C VAL C 58 -10.02 2.24 15.16
N PRO C 59 -9.14 2.82 16.01
CA PRO C 59 -9.60 3.77 17.03
C PRO C 59 -10.44 4.92 16.51
N SER C 60 -11.45 5.32 17.30
CA SER C 60 -12.40 6.37 16.93
C SER C 60 -11.78 7.76 16.77
N ARG C 61 -10.56 7.98 17.29
CA ARG C 61 -9.88 9.27 17.11
C ARG C 61 -9.54 9.55 15.62
N PHE C 62 -9.58 8.51 14.76
CA PHE C 62 -9.34 8.66 13.32
C PHE C 62 -10.64 8.92 12.59
N SER C 63 -10.65 9.93 11.75
CA SER C 63 -11.78 10.19 10.89
C SER C 63 -11.34 10.73 9.53
N GLY C 64 -12.18 10.52 8.53
CA GLY C 64 -11.90 11.02 7.20
C GLY C 64 -13.07 11.83 6.69
N SER C 65 -12.76 12.81 5.85
CA SER C 65 -13.79 13.67 5.28
C SER C 65 -13.38 14.16 3.89
N GLY C 66 -14.35 14.73 3.17
CA GLY C 66 -14.11 15.26 1.86
C GLY C 66 -14.78 14.48 0.76
N SER C 67 -14.79 15.08 -0.43
CA SER C 67 -15.35 14.49 -1.66
C SER C 67 -14.87 15.32 -2.86
N GLY C 68 -14.93 14.72 -4.03
CA GLY C 68 -14.52 15.39 -5.25
C GLY C 68 -13.01 15.35 -5.39
N THR C 69 -12.35 16.45 -5.07
CA THR C 69 -10.89 16.54 -5.22
C THR C 69 -10.16 16.86 -3.92
N ASP C 70 -10.88 17.11 -2.81
CA ASP C 70 -10.23 17.53 -1.57
C ASP C 70 -10.65 16.69 -0.38
N PHE C 71 -9.67 16.04 0.22
CA PHE C 71 -9.91 15.09 1.29
C PHE C 71 -9.02 15.37 2.51
N THR C 72 -9.49 14.98 3.68
CA THR C 72 -8.71 15.14 4.90
C THR C 72 -8.83 13.93 5.82
N LEU C 73 -7.71 13.57 6.45
CA LEU C 73 -7.67 12.57 7.50
C LEU C 73 -7.38 13.38 8.77
N THR C 74 -8.13 13.10 9.84
CA THR C 74 -7.96 13.81 11.11
C THR C 74 -7.79 12.82 12.25
N ILE C 75 -6.80 13.10 13.11
CA ILE C 75 -6.56 12.32 14.32
C ILE C 75 -6.92 13.32 15.42
N SER C 76 -8.03 13.12 16.12
CA SER C 76 -8.51 14.12 17.09
C SER C 76 -7.66 14.28 18.34
N SER C 77 -6.87 13.25 18.68
CA SER C 77 -6.03 13.27 19.88
C SER C 77 -4.83 12.36 19.59
N LEU C 78 -3.75 12.94 19.07
CA LEU C 78 -2.57 12.17 18.66
C LEU C 78 -2.00 11.35 19.81
N GLN C 79 -1.75 10.07 19.56
CA GLN C 79 -1.18 9.19 20.57
C GLN C 79 0.23 8.78 20.11
N PRO C 80 1.12 8.42 21.05
CA PRO C 80 2.47 8.01 20.66
C PRO C 80 2.50 6.90 19.59
N GLU C 81 1.59 5.93 19.71
CA GLU C 81 1.52 4.82 18.77
C GLU C 81 1.10 5.25 17.35
N ASP C 82 0.63 6.51 17.19
CA ASP C 82 0.20 6.99 15.87
C ASP C 82 1.34 7.46 14.97
N PHE C 83 2.60 7.38 15.48
CA PHE C 83 3.78 7.69 14.67
C PHE C 83 3.78 6.73 13.45
N ALA C 84 3.70 7.28 12.25
CA ALA C 84 3.58 6.48 11.04
C ALA C 84 3.65 7.39 9.81
N THR C 85 3.72 6.82 8.60
CA THR C 85 3.51 7.59 7.40
C THR C 85 2.11 7.18 6.94
N TYR C 86 1.29 8.18 6.62
CA TYR C 86 -0.09 7.98 6.20
C TYR C 86 -0.16 8.20 4.68
N TYR C 87 -0.87 7.32 3.98
CA TYR C 87 -0.99 7.45 2.53
C TYR C 87 -2.45 7.46 2.11
N CYS C 88 -2.82 8.33 1.20
CA CYS C 88 -4.14 8.26 0.59
C CYS C 88 -4.00 7.45 -0.73
N GLN C 89 -5.13 7.00 -1.27
CA GLN C 89 -5.13 6.21 -2.50
C GLN C 89 -6.48 6.38 -3.15
N GLN C 90 -6.50 6.77 -4.44
CA GLN C 90 -7.79 6.90 -5.10
C GLN C 90 -8.17 5.53 -5.66
N SER C 91 -9.43 5.17 -5.51
CA SER C 91 -9.96 3.91 -6.00
C SER C 91 -10.99 4.11 -7.12
N ASP C 92 -11.13 5.33 -7.64
CA ASP C 92 -12.13 5.63 -8.66
C ASP C 92 -11.86 4.88 -9.96
N SER C 93 -10.58 4.86 -10.39
CA SER C 93 -10.28 4.30 -11.70
C SER C 93 -8.81 3.99 -11.86
N TYR C 94 -8.49 3.28 -12.94
CA TYR C 94 -7.14 2.84 -13.24
C TYR C 94 -6.36 3.86 -14.07
N PRO C 95 -5.02 3.91 -13.90
CA PRO C 95 -4.22 3.14 -12.92
C PRO C 95 -4.49 3.58 -11.48
N LEU C 96 -4.44 2.63 -10.55
CA LEU C 96 -4.64 2.95 -9.13
C LEU C 96 -3.44 3.76 -8.67
N THR C 97 -3.70 4.86 -7.97
CA THR C 97 -2.63 5.77 -7.55
C THR C 97 -2.75 6.16 -6.09
N PHE C 98 -1.56 6.37 -5.47
CA PHE C 98 -1.36 6.75 -4.08
C PHE C 98 -0.77 8.16 -4.00
N GLY C 99 -1.05 8.84 -2.91
CA GLY C 99 -0.37 10.09 -2.61
C GLY C 99 1.05 9.75 -2.15
N GLY C 100 1.90 10.76 -2.04
CA GLY C 100 3.30 10.55 -1.67
C GLY C 100 3.56 10.30 -0.18
N GLY C 101 2.52 10.36 0.64
CA GLY C 101 2.62 10.12 2.07
C GLY C 101 2.82 11.35 2.94
N THR C 102 2.43 11.25 4.21
CA THR C 102 2.69 12.29 5.20
C THR C 102 3.24 11.58 6.41
N LYS C 103 4.46 11.96 6.83
CA LYS C 103 5.05 11.34 8.00
C LYS C 103 4.64 12.13 9.24
N VAL C 104 4.03 11.46 10.19
CA VAL C 104 3.60 12.11 11.44
C VAL C 104 4.49 11.67 12.59
N GLU C 105 5.15 12.62 13.25
CA GLU C 105 5.99 12.31 14.41
C GLU C 105 5.47 13.05 15.66
N ILE C 106 5.76 12.47 16.84
CA ILE C 106 5.34 13.06 18.09
C ILE C 106 6.38 14.05 18.62
N LYS C 107 5.91 15.19 19.10
CA LYS C 107 6.73 16.19 19.77
C LYS C 107 6.55 15.89 21.25
N ARG C 108 7.65 15.70 21.98
CA ARG C 108 7.60 15.39 23.40
C ARG C 108 8.65 16.22 24.16
N THR C 109 8.71 16.07 25.51
CA THR C 109 9.69 16.83 26.28
C THR C 109 11.11 16.39 25.95
N VAL C 110 12.07 17.30 26.16
CA VAL C 110 13.48 16.97 25.90
C VAL C 110 13.91 15.83 26.84
N ALA C 111 14.65 14.85 26.31
CA ALA C 111 15.17 13.74 27.09
C ALA C 111 16.62 13.55 26.65
N ALA C 112 17.58 13.73 27.57
CA ALA C 112 18.98 13.54 27.22
C ALA C 112 19.23 12.06 27.02
N PRO C 113 20.17 11.71 26.14
CA PRO C 113 20.47 10.29 25.95
C PRO C 113 21.30 9.69 27.07
N SER C 114 21.15 8.37 27.27
CA SER C 114 22.03 7.60 28.15
CA SER C 114 22.06 7.65 28.16
C SER C 114 23.13 7.15 27.17
N VAL C 115 24.39 7.39 27.49
CA VAL C 115 25.49 7.05 26.59
C VAL C 115 26.29 5.84 27.04
N PHE C 116 26.59 4.96 26.10
CA PHE C 116 27.38 3.77 26.39
C PHE C 116 28.45 3.60 25.32
N ILE C 117 29.66 3.18 25.72
CA ILE C 117 30.70 2.90 24.75
C ILE C 117 31.10 1.41 24.85
N PHE C 118 31.36 0.79 23.70
CA PHE C 118 31.74 -0.61 23.62
C PHE C 118 33.05 -0.80 22.87
N PRO C 119 34.00 -1.50 23.49
CA PRO C 119 35.25 -1.80 22.78
C PRO C 119 35.05 -2.90 21.73
N PRO C 120 35.99 -3.06 20.79
CA PRO C 120 35.90 -4.19 19.85
C PRO C 120 36.12 -5.50 20.62
N SER C 121 35.50 -6.58 20.16
CA SER C 121 35.71 -7.90 20.75
C SER C 121 37.14 -8.37 20.38
N ASP C 122 37.75 -9.24 21.21
CA ASP C 122 39.07 -9.76 20.90
C ASP C 122 39.08 -10.56 19.58
N GLU C 123 37.98 -11.30 19.31
CA GLU C 123 37.87 -12.10 18.09
C GLU C 123 37.92 -11.20 16.85
N GLN C 124 37.10 -10.11 16.83
CA GLN C 124 37.12 -9.22 15.68
C GLN C 124 38.51 -8.58 15.52
N LEU C 125 39.06 -8.04 16.63
CA LEU C 125 40.36 -7.38 16.60
C LEU C 125 41.48 -8.30 16.03
N LYS C 126 41.46 -9.58 16.43
CA LYS C 126 42.44 -10.55 15.96
C LYS C 126 42.35 -10.73 14.44
N SER C 127 41.14 -10.61 13.86
CA SER C 127 40.94 -10.74 12.42
C SER C 127 41.43 -9.53 11.60
N GLY C 128 41.87 -8.46 12.27
CA GLY C 128 42.44 -7.32 11.56
C GLY C 128 41.71 -5.99 11.64
N THR C 129 40.50 -5.98 12.23
CA THR C 129 39.70 -4.75 12.27
C THR C 129 39.14 -4.51 13.68
N ALA C 130 39.01 -3.24 14.09
CA ALA C 130 38.44 -2.86 15.36
C ALA C 130 37.22 -1.97 15.13
N SER C 131 36.02 -2.43 15.51
CA SER C 131 34.82 -1.61 15.44
C SER C 131 34.56 -1.15 16.88
N VAL C 132 34.47 0.15 17.10
CA VAL C 132 34.22 0.74 18.42
C VAL C 132 32.83 1.37 18.33
N VAL C 133 31.93 0.99 19.23
CA VAL C 133 30.54 1.46 19.14
C VAL C 133 30.15 2.39 20.24
N CYS C 134 29.46 3.47 19.88
CA CYS C 134 28.91 4.38 20.85
C CYS C 134 27.42 4.36 20.67
N LEU C 135 26.72 4.23 21.77
CA LEU C 135 25.26 4.17 21.77
C LEU C 135 24.69 5.37 22.56
N LEU C 136 23.75 6.09 21.93
CA LEU C 136 22.97 7.17 22.53
C LEU C 136 21.55 6.59 22.62
N ASN C 137 21.06 6.31 23.83
CA ASN C 137 19.79 5.64 24.03
C ASN C 137 18.63 6.53 24.52
N ASN C 138 17.47 6.39 23.84
CA ASN C 138 16.22 7.01 24.23
C ASN C 138 16.28 8.51 24.51
N PHE C 139 16.53 9.28 23.46
CA PHE C 139 16.65 10.72 23.59
C PHE C 139 15.66 11.45 22.67
N TYR C 140 15.47 12.73 22.95
CA TYR C 140 14.60 13.60 22.16
C TYR C 140 15.04 15.05 22.44
N PRO C 141 15.14 15.92 21.41
CA PRO C 141 14.88 15.67 19.98
C PRO C 141 15.95 14.83 19.28
N ARG C 142 15.74 14.49 17.99
CA ARG C 142 16.63 13.65 17.20
C ARG C 142 18.03 14.22 17.01
N GLU C 143 18.16 15.54 16.94
CA GLU C 143 19.45 16.19 16.71
C GLU C 143 20.45 15.91 17.82
N ALA C 144 21.62 15.37 17.44
CA ALA C 144 22.70 15.08 18.37
C ALA C 144 24.06 15.18 17.66
N LYS C 145 25.10 15.48 18.41
CA LYS C 145 26.45 15.54 17.85
C LYS C 145 27.28 14.49 18.57
N VAL C 146 27.95 13.63 17.81
CA VAL C 146 28.79 12.59 18.41
C VAL C 146 30.19 12.68 17.82
N GLN C 147 31.20 12.92 18.67
CA GLN C 147 32.59 13.01 18.19
C GLN C 147 33.40 11.87 18.80
N TRP C 148 34.30 11.30 18.00
CA TRP C 148 35.21 10.25 18.46
C TRP C 148 36.59 10.82 18.69
N LYS C 149 37.16 10.56 19.85
CA LYS C 149 38.51 11.02 20.17
C LYS C 149 39.33 9.81 20.61
N VAL C 150 40.54 9.67 20.03
CA VAL C 150 41.43 8.56 20.35
C VAL C 150 42.67 9.22 20.93
N ASP C 151 42.95 8.99 22.23
CA ASP C 151 44.01 9.73 22.94
C ASP C 151 43.83 11.26 22.77
N ASN C 152 42.55 11.68 22.81
CA ASN C 152 42.09 13.05 22.72
C ASN C 152 42.21 13.68 21.33
N ALA C 153 42.51 12.87 20.30
CA ALA C 153 42.63 13.34 18.90
C ALA C 153 41.31 13.08 18.18
N LEU C 154 40.72 14.15 17.63
CA LEU C 154 39.44 14.07 16.94
C LEU C 154 39.55 13.26 15.65
N GLN C 155 38.67 12.24 15.51
CA GLN C 155 38.65 11.40 14.33
C GLN C 155 37.74 12.01 13.25
N SER C 156 38.06 11.75 11.99
CA SER C 156 37.21 12.20 10.89
C SER C 156 37.30 11.23 9.73
N GLY C 157 36.16 10.92 9.13
CA GLY C 157 36.10 10.05 7.96
C GLY C 157 36.02 8.56 8.21
N ASN C 158 36.17 8.12 9.47
CA ASN C 158 36.19 6.70 9.80
C ASN C 158 35.06 6.27 10.75
N SER C 159 33.93 6.99 10.70
CA SER C 159 32.78 6.59 11.51
C SER C 159 31.49 6.73 10.72
N GLN C 160 30.53 5.87 11.05
CA GLN C 160 29.19 5.87 10.44
C GLN C 160 28.15 5.83 11.53
N GLU C 161 27.05 6.61 11.36
CA GLU C 161 25.95 6.69 12.32
C GLU C 161 24.68 6.03 11.78
N SER C 162 23.87 5.53 12.70
CA SER C 162 22.56 4.98 12.35
C SER C 162 21.57 5.46 13.43
N VAL C 163 20.35 5.84 13.02
CA VAL C 163 19.35 6.31 13.98
C VAL C 163 18.05 5.48 13.84
N THR C 164 17.43 5.10 14.95
CA THR C 164 16.19 4.35 14.88
C THR C 164 15.02 5.29 14.53
N GLU C 165 13.91 4.69 14.10
CA GLU C 165 12.69 5.42 13.90
C GLU C 165 12.10 5.75 15.29
N GLN C 166 11.25 6.79 15.40
CA GLN C 166 10.69 7.17 16.69
C GLN C 166 9.99 5.99 17.41
N ASP C 167 10.26 5.82 18.69
CA ASP C 167 9.69 4.73 19.46
C ASP C 167 8.18 4.95 19.59
N SER C 168 7.39 3.89 19.38
CA SER C 168 5.92 3.99 19.45
CA SER C 168 5.92 3.96 19.45
C SER C 168 5.34 4.11 20.85
N LYS C 169 6.17 3.97 21.89
CA LYS C 169 5.67 4.07 23.26
C LYS C 169 6.18 5.34 23.94
N ASP C 170 7.49 5.61 23.88
CA ASP C 170 8.01 6.79 24.58
C ASP C 170 8.44 7.96 23.64
N SER C 171 8.26 7.81 22.31
CA SER C 171 8.50 8.87 21.34
C SER C 171 9.96 9.38 21.29
N THR C 172 10.90 8.51 21.73
CA THR C 172 12.33 8.83 21.69
C THR C 172 13.03 8.19 20.47
N TYR C 173 14.28 8.58 20.26
CA TYR C 173 15.14 8.04 19.24
C TYR C 173 16.35 7.42 19.93
N SER C 174 16.98 6.49 19.24
CA SER C 174 18.29 5.98 19.69
C SER C 174 19.25 6.07 18.49
N LEU C 175 20.54 6.23 18.77
CA LEU C 175 21.54 6.42 17.73
C LEU C 175 22.79 5.65 18.05
N SER C 176 23.40 5.08 17.01
CA SER C 176 24.68 4.43 17.18
C SER C 176 25.71 5.14 16.28
N SER C 177 26.93 5.26 16.77
CA SER C 177 28.03 5.77 15.97
C SER C 177 29.09 4.64 16.05
N THR C 178 29.61 4.22 14.90
CA THR C 178 30.60 3.14 14.89
C THR C 178 31.89 3.66 14.25
N LEU C 179 33.01 3.58 15.01
CA LEU C 179 34.34 3.97 14.59
C LEU C 179 35.04 2.72 14.08
N THR C 180 35.58 2.74 12.85
CA THR C 180 36.29 1.58 12.30
C THR C 180 37.76 1.90 12.15
N LEU C 181 38.58 1.10 12.84
CA LEU C 181 40.03 1.28 12.80
C LEU C 181 40.69 -0.03 12.37
N SER C 182 41.94 0.05 11.85
CA SER C 182 42.68 -1.19 11.60
C SER C 182 43.12 -1.72 12.97
N LYS C 183 43.44 -3.00 13.05
CA LYS C 183 43.97 -3.61 14.28
C LYS C 183 45.25 -2.85 14.73
N ALA C 184 46.13 -2.49 13.78
CA ALA C 184 47.37 -1.76 14.09
C ALA C 184 47.11 -0.40 14.72
N ASP C 185 46.16 0.38 14.11
CA ASP C 185 45.85 1.69 14.68
C ASP C 185 45.22 1.54 16.06
N TYR C 186 44.31 0.55 16.21
CA TYR C 186 43.67 0.33 17.50
C TYR C 186 44.69 -0.02 18.60
N GLU C 187 45.66 -0.89 18.25
CA GLU C 187 46.64 -1.36 19.22
C GLU C 187 47.75 -0.38 19.57
N LYS C 188 47.87 0.72 18.81
CA LYS C 188 48.91 1.72 19.12
C LYS C 188 48.34 2.97 19.86
N HIS C 189 47.08 2.93 20.29
CA HIS C 189 46.46 4.01 21.05
C HIS C 189 45.81 3.44 22.33
N LYS C 190 45.56 4.30 23.35
CA LYS C 190 45.05 3.81 24.62
C LYS C 190 43.62 4.22 24.93
N VAL C 191 43.32 5.53 24.96
CA VAL C 191 42.02 6.00 25.37
C VAL C 191 41.06 6.17 24.18
N TYR C 192 39.89 5.54 24.26
CA TYR C 192 38.88 5.62 23.22
C TYR C 192 37.69 6.31 23.84
N ALA C 193 37.27 7.44 23.26
CA ALA C 193 36.20 8.21 23.82
C ALA C 193 35.19 8.69 22.83
N CYS C 194 33.94 8.67 23.29
CA CYS C 194 32.87 9.23 22.53
C CYS C 194 32.35 10.43 23.29
N GLU C 195 32.23 11.57 22.60
CA GLU C 195 31.78 12.82 23.22
C GLU C 195 30.45 13.23 22.58
N VAL C 196 29.43 13.35 23.42
CA VAL C 196 28.07 13.61 22.98
C VAL C 196 27.56 14.99 23.36
N THR C 197 26.98 15.68 22.38
CA THR C 197 26.36 16.98 22.60
C THR C 197 24.87 16.82 22.26
N HIS C 198 24.00 17.33 23.14
CA HIS C 198 22.55 17.22 22.93
C HIS C 198 21.84 18.30 23.73
N GLN C 199 20.68 18.76 23.24
CA GLN C 199 19.88 19.78 23.94
C GLN C 199 19.60 19.45 25.42
N GLY C 200 19.47 18.18 25.75
CA GLY C 200 19.19 17.76 27.12
C GLY C 200 20.39 17.66 28.05
N LEU C 201 21.61 17.94 27.51
CA LEU C 201 22.87 17.93 28.25
C LEU C 201 23.43 19.36 28.38
N SER C 202 23.60 19.84 29.62
CA SER C 202 24.13 21.19 29.88
C SER C 202 25.57 21.37 29.37
N SER C 203 26.33 20.27 29.34
CA SER C 203 27.69 20.23 28.82
C SER C 203 27.93 18.84 28.21
N PRO C 204 28.85 18.72 27.24
CA PRO C 204 29.05 17.40 26.59
C PRO C 204 29.35 16.26 27.56
N VAL C 205 28.82 15.09 27.24
CA VAL C 205 29.07 13.90 28.05
C VAL C 205 30.11 13.08 27.31
N THR C 206 31.14 12.58 28.03
CA THR C 206 32.12 11.72 27.39
C THR C 206 32.07 10.35 28.06
N LYS C 207 32.00 9.29 27.25
CA LYS C 207 32.12 7.91 27.75
C LYS C 207 33.38 7.36 27.11
N SER C 208 34.20 6.69 27.91
CA SER C 208 35.46 6.18 27.40
C SER C 208 35.89 4.90 28.04
N PHE C 209 36.86 4.27 27.41
CA PHE C 209 37.53 3.08 27.94
C PHE C 209 39.01 3.18 27.57
N ASN C 210 39.84 2.46 28.31
CA ASN C 210 41.27 2.37 28.05
C ASN C 210 41.50 0.97 27.51
N ARG C 211 42.12 0.84 26.33
CA ARG C 211 42.37 -0.46 25.72
C ARG C 211 43.19 -1.36 26.66
N GLY C 212 42.72 -2.59 26.87
CA GLY C 212 43.39 -3.56 27.73
C GLY C 212 43.09 -3.48 29.22
N GLU C 213 42.27 -2.51 29.63
CA GLU C 213 41.94 -2.35 31.05
C GLU C 213 40.52 -2.83 31.39
N MLE D 1 -43.31 4.87 -5.38
CN MLE D 1 -44.38 5.83 -5.65
CA MLE D 1 -43.61 3.44 -5.63
CB MLE D 1 -44.63 2.90 -4.63
CG MLE D 1 -44.18 2.93 -3.16
CD1 MLE D 1 -43.05 1.94 -2.93
CD2 MLE D 1 -45.36 2.64 -2.23
C MLE D 1 -44.07 3.21 -7.07
O MLE D 1 -44.96 2.39 -7.31
N ILE D 2 -43.46 3.92 -8.02
CA ILE D 2 -43.81 3.78 -9.42
C ILE D 2 -43.37 2.39 -9.91
N MAA D 3 -44.31 1.53 -10.38
CM MAA D 3 -45.75 1.80 -10.46
CA MAA D 3 -43.87 0.20 -10.87
CB MAA D 3 -44.37 -0.90 -9.95
C MAA D 3 -44.22 0.00 -12.35
O MAA D 3 -44.42 0.99 -13.06
N 02A D 4 -44.23 -1.23 -12.93
CA 02A D 4 -43.75 -2.54 -12.51
C 02A D 4 -42.29 -2.56 -12.11
O 02A D 4 -41.56 -1.59 -12.39
C27 02A D 4 -44.09 -2.96 -13.97
C26 02A D 4 -44.65 -1.54 -14.30
N 7VU D 5 -41.84 -3.64 -11.44
C 7VU D 5 -39.67 -4.70 -12.05
O 7VU D 5 -39.79 -5.92 -11.87
CA 7VU D 5 -40.41 -3.71 -11.11
CB 7VU D 5 -40.07 -4.00 -9.64
CG 7VU D 5 -40.69 -3.00 -8.69
CD1 7VU D 5 -40.59 -1.64 -8.94
CD2 7VU D 5 -41.44 -3.41 -7.61
CE1 7VU D 5 -41.18 -0.72 -8.09
CE2 7VU D 5 -42.02 -2.49 -6.76
CZ 7VU D 5 -41.89 -1.13 -6.97
CH 7VU D 5 -42.52 -0.13 -6.04
C1 7VU D 5 -42.67 -4.78 -10.98
C2 7VU D 5 -43.06 -5.75 -12.07
N SAR D 6 -38.91 -4.19 -13.04
CA SAR D 6 -38.53 -2.77 -13.10
C SAR D 6 -37.48 -2.44 -12.04
O SAR D 6 -37.04 -3.29 -11.28
CN SAR D 6 -38.05 -5.11 -13.78
N 7W2 D 7 -37.10 -1.16 -11.98
C 7W2 D 7 -36.93 -0.58 -9.61
O 7W2 D 7 -37.89 0.18 -9.49
CA 7W2 D 7 -36.19 -0.67 -10.95
CB 7W2 D 7 -35.66 0.72 -11.31
CG 7W2 D 7 -34.97 0.82 -12.69
CD 7W2 D 7 -34.67 2.26 -13.01
CE1 7W2 D 7 -33.64 2.93 -12.35
CE2 7W2 D 7 -35.54 3.00 -13.79
CZ1 7W2 D 7 -33.45 4.27 -12.57
CZ2 7W2 D 7 -35.31 4.33 -14.01
FZ1 7W2 D 7 -32.40 4.87 -11.96
FZ2 7W2 D 7 -36.21 5.00 -14.77
CH 7W2 D 7 -34.25 5.02 -13.42
CT 7W2 D 7 -34.08 6.51 -13.53
FT1 7W2 D 7 -34.46 7.14 -12.41
FT2 7W2 D 7 -34.79 7.06 -14.51
FT3 7W2 D 7 -32.82 6.89 -13.76
N PRO D 8 -36.43 -1.26 -8.55
CA PRO D 8 -36.89 -0.98 -7.19
C PRO D 8 -36.66 0.48 -6.81
N AC5 D 9 -37.48 0.98 -5.87
O AC5 D 9 -36.42 4.26 -6.26
CA AC5 D 9 -37.24 2.25 -5.19
C AC5 D 9 -37.35 3.46 -6.17
CB1 AC5 D 9 -38.19 2.46 -3.98
CB2 AC5 D 9 -35.83 2.25 -4.54
CG1 AC5 D 9 -37.39 3.49 -3.19
CG2 AC5 D 9 -35.99 2.92 -3.17
N 7VN D 10 -38.52 3.63 -6.88
C 7VN D 10 -39.94 5.61 -7.27
O 7VN D 10 -40.99 5.44 -7.90
CA 7VN D 10 -38.68 4.85 -7.68
CB 7VN D 10 -38.66 4.59 -9.18
CG1 7VN D 10 -38.75 5.85 -10.06
CG2 7VN D 10 -37.41 3.84 -9.66
CD1 7VN D 10 -37.43 5.88 -10.84
CD2 7VN D 10 -37.13 4.41 -11.03
CN 7VN D 10 -39.61 2.66 -6.98
N 7WC D 11 -39.88 6.48 -6.23
C 7WC D 11 -40.75 8.71 -5.73
O 7WC D 11 -40.84 9.24 -4.62
CA 7WC D 11 -41.10 7.23 -5.90
CB 7WC D 11 -41.78 6.65 -4.66
CG 7WC D 11 -42.10 5.19 -4.87
OD1 7WC D 11 -41.27 4.33 -4.58
CN 7WC D 11 -38.77 6.57 -5.27
N1 7WC D 11 -40.38 9.45 -6.81
C2 7WC D 11 -40.09 10.86 -6.63
C3 7WC D 11 -40.28 8.95 -8.18
PB GDP E . -24.65 -5.58 -13.83
O1B GDP E . -23.91 -4.28 -13.62
O2B GDP E . -25.08 -6.22 -12.56
O3B GDP E . -25.78 -5.48 -14.89
O3A GDP E . -23.65 -6.59 -14.55
PA GDP E . -22.06 -6.64 -14.50
O1A GDP E . -21.71 -6.59 -13.00
O2A GDP E . -21.44 -5.60 -15.31
O5' GDP E . -21.68 -8.10 -15.11
C5' GDP E . -22.11 -9.31 -14.47
C4' GDP E . -21.16 -10.39 -14.94
O4' GDP E . -21.34 -10.61 -16.36
C3' GDP E . -19.68 -10.06 -14.74
O3' GDP E . -18.95 -11.20 -14.32
C2' GDP E . -19.26 -9.55 -16.12
O2' GDP E . -17.87 -9.68 -16.44
C1' GDP E . -20.10 -10.44 -17.02
N9 GDP E . -20.35 -9.87 -18.36
C8 GDP E . -20.86 -8.63 -18.63
N7 GDP E . -20.94 -8.36 -19.92
C5 GDP E . -20.47 -9.52 -20.54
C6 GDP E . -20.34 -9.86 -21.92
O6 GDP E . -20.59 -9.15 -22.89
N1 GDP E . -19.84 -11.13 -22.11
C2 GDP E . -19.50 -12.00 -21.11
N2 GDP E . -19.04 -13.20 -21.49
N3 GDP E . -19.61 -11.70 -19.82
C4 GDP E . -20.10 -10.45 -19.59
MG MG F . -23.56 -3.07 -12.03
#